data_4JKV
#
_entry.id   4JKV
#
_cell.length_a   75.444
_cell.length_b   98.177
_cell.length_c   84.293
_cell.angle_alpha   90.00
_cell.angle_beta   103.27
_cell.angle_gamma   90.00
#
_symmetry.space_group_name_H-M   'P 1 21 1'
#
loop_
_entity.id
_entity.type
_entity.pdbx_description
1 polymer 'Soluble cytochrome b562, Smoothened homolog'
2 non-polymer 4-fluoro-N-methyl-N-{1-[4-(1-methyl-1H-pyrazol-5-yl)phthalazin-1-yl]piperidin-4-yl}-2-(trifluoromethyl)benzamide
3 non-polymer '(2R)-2,3-dihydroxypropyl (9Z)-octadec-9-enoate'
4 non-polymer 'OLEIC ACID'
5 non-polymer DI(HYDROXYETHYL)ETHER
6 non-polymer 'TRIETHYLENE GLYCOL'
7 non-polymer 'TETRAETHYLENE GLYCOL'
8 water water
#
_entity_poly.entity_id   1
_entity_poly.type   'polypeptide(L)'
_entity_poly.pdbx_seq_one_letter_code
;GGTADLEDNWETLNDNLKVIEKADNAAQVKDALTKMRAAALDAQKATPPKLEDKSPDSPEMKDFRHGFDILVGQIDDALK
LANEGKVKEAQAAAEQLKTTRNAYIQKYLSGQCEVPLVRTDNPKSWYEDVEGCGIQCQNPLFTEAEHQDMHSYIAAFGAV
TGLCTLFTLATFVADWRNSNRYPAVILFYVNACFFVGSIGWLAQFMDGARREIVCRADGTMRLGEPTSNETLSCVIIFVI
VYYALMAGVVWFVVLTYAWHTSFKALGTTYQPLSGKTSYFHLLTWSLPFVLTVAILAVAQVDGDSVSGICFVGYKNYRYR
AGFVLAPIGLVLIVGGYFLIRGVMTLFSIKSNHPGLLSEKAASKINETMLRLGIFGFLAFGFVLITFSCHFYDFFNQAEW
ERSFRDYVLCQANVTIGLPTKQPIPDCEIKNRPSLLVEKINLFAMFGTGIAMSTWVWTKATLLIWRRTWCRLTGQ
;
_entity_poly.pdbx_strand_id   A,B
#
# COMPACT_ATOMS: atom_id res chain seq x y z
N GLY A 2 -49.64 -15.58 -15.32
CA GLY A 2 -50.14 -14.58 -14.37
C GLY A 2 -51.42 -13.91 -14.83
N THR A 3 -52.34 -13.64 -13.86
CA THR A 3 -53.64 -13.01 -14.10
C THR A 3 -53.43 -11.56 -14.56
N ALA A 4 -52.60 -10.80 -13.83
CA ALA A 4 -52.25 -9.42 -14.16
C ALA A 4 -50.90 -9.41 -14.88
N ASP A 5 -50.60 -8.32 -15.62
CA ASP A 5 -49.34 -8.15 -16.36
C ASP A 5 -48.16 -8.00 -15.38
N LEU A 6 -46.95 -8.41 -15.82
CA LEU A 6 -45.71 -8.33 -15.06
C LEU A 6 -45.36 -6.87 -14.74
N GLU A 7 -45.48 -5.97 -15.75
CA GLU A 7 -45.22 -4.54 -15.60
C GLU A 7 -46.29 -3.86 -14.72
N ASP A 8 -47.51 -4.44 -14.68
CA ASP A 8 -48.60 -3.94 -13.85
C ASP A 8 -48.34 -4.29 -12.38
N ASN A 9 -47.98 -5.57 -12.11
CA ASN A 9 -47.66 -6.09 -10.77
C ASN A 9 -46.38 -5.45 -10.22
N TRP A 10 -45.45 -5.06 -11.11
CA TRP A 10 -44.19 -4.40 -10.75
C TRP A 10 -44.49 -3.00 -10.23
N GLU A 11 -45.44 -2.28 -10.87
CA GLU A 11 -45.90 -0.95 -10.48
C GLU A 11 -46.62 -0.98 -9.13
N THR A 12 -47.37 -2.06 -8.85
CA THR A 12 -48.11 -2.29 -7.59
C THR A 12 -47.11 -2.51 -6.46
N LEU A 13 -46.05 -3.28 -6.76
CA LEU A 13 -44.96 -3.63 -5.85
C LEU A 13 -44.20 -2.36 -5.39
N ASN A 14 -43.99 -1.40 -6.31
CA ASN A 14 -43.29 -0.14 -6.06
C ASN A 14 -44.16 0.85 -5.28
N ASP A 15 -45.46 1.00 -5.68
CA ASP A 15 -46.42 1.92 -5.07
C ASP A 15 -46.65 1.62 -3.59
N ASN A 16 -46.80 0.33 -3.23
CA ASN A 16 -46.99 -0.09 -1.85
C ASN A 16 -45.71 0.13 -1.02
N LEU A 17 -44.53 -0.09 -1.65
CA LEU A 17 -43.21 0.09 -1.05
C LEU A 17 -42.93 1.58 -0.78
N LYS A 18 -43.55 2.49 -1.59
CA LYS A 18 -43.45 3.94 -1.44
C LYS A 18 -44.33 4.41 -0.26
N VAL A 19 -45.45 3.70 -0.02
CA VAL A 19 -46.37 4.00 1.08
C VAL A 19 -46.09 3.00 2.23
N ILE A 20 -44.84 3.03 2.72
CA ILE A 20 -44.33 2.24 3.85
C ILE A 20 -43.44 3.19 4.68
N GLU A 21 -42.45 3.83 4.04
CA GLU A 21 -41.56 4.80 4.69
C GLU A 21 -42.30 6.13 4.91
N LYS A 22 -43.39 6.36 4.14
CA LYS A 22 -44.23 7.56 4.19
C LYS A 22 -45.56 7.30 4.92
N ALA A 23 -45.83 6.03 5.29
CA ALA A 23 -47.05 5.61 5.98
C ALA A 23 -47.15 6.18 7.41
N ASP A 24 -48.31 6.77 7.73
CA ASP A 24 -48.59 7.40 9.03
C ASP A 24 -49.37 6.46 9.99
N ASN A 25 -49.67 5.22 9.53
CA ASN A 25 -50.39 4.21 10.32
C ASN A 25 -49.63 2.89 10.37
N ALA A 26 -49.62 2.23 11.55
CA ALA A 26 -48.98 0.93 11.76
C ALA A 26 -49.76 -0.19 11.05
N ALA A 27 -51.08 0.02 10.88
CA ALA A 27 -51.99 -0.90 10.18
C ALA A 27 -51.73 -0.84 8.66
N GLN A 28 -51.35 0.36 8.16
CA GLN A 28 -51.05 0.62 6.74
C GLN A 28 -49.79 -0.14 6.31
N VAL A 29 -48.82 -0.32 7.23
CA VAL A 29 -47.56 -1.05 7.03
C VAL A 29 -47.89 -2.54 6.77
N LYS A 30 -48.72 -3.14 7.64
CA LYS A 30 -49.20 -4.52 7.56
C LYS A 30 -50.07 -4.71 6.29
N ASP A 31 -50.83 -3.66 5.90
CA ASP A 31 -51.70 -3.64 4.73
C ASP A 31 -50.89 -3.58 3.43
N ALA A 32 -49.83 -2.73 3.38
CA ALA A 32 -48.96 -2.57 2.20
C ALA A 32 -48.10 -3.82 1.97
N LEU A 33 -47.64 -4.48 3.06
CA LEU A 33 -46.84 -5.71 2.99
C LEU A 33 -47.67 -6.91 2.48
N THR A 34 -48.98 -6.96 2.84
CA THR A 34 -49.92 -8.02 2.44
C THR A 34 -50.20 -7.92 0.93
N LYS A 35 -50.53 -6.71 0.43
CA LYS A 35 -50.82 -6.46 -0.98
C LYS A 35 -49.62 -6.77 -1.88
N MET A 36 -48.39 -6.52 -1.37
CA MET A 36 -47.14 -6.78 -2.07
C MET A 36 -46.86 -8.28 -2.19
N ARG A 37 -47.21 -9.05 -1.14
CA ARG A 37 -47.04 -10.51 -1.08
C ARG A 37 -47.83 -11.17 -2.21
N ALA A 38 -49.05 -10.67 -2.46
CA ALA A 38 -49.92 -11.18 -3.52
C ALA A 38 -49.40 -10.75 -4.90
N ALA A 39 -49.02 -9.47 -5.03
CA ALA A 39 -48.51 -8.87 -6.27
C ALA A 39 -47.24 -9.57 -6.76
N ALA A 40 -46.40 -10.07 -5.83
CA ALA A 40 -45.16 -10.79 -6.14
C ALA A 40 -45.44 -12.21 -6.66
N LEU A 41 -46.43 -12.90 -6.06
CA LEU A 41 -46.82 -14.27 -6.42
C LEU A 41 -47.44 -14.32 -7.83
N ASP A 42 -48.09 -13.23 -8.27
CA ASP A 42 -48.66 -13.15 -9.61
C ASP A 42 -47.56 -12.77 -10.60
N ALA A 43 -46.60 -11.96 -10.17
CA ALA A 43 -45.45 -11.57 -10.98
C ALA A 43 -44.53 -12.78 -11.22
N GLN A 44 -44.42 -13.67 -10.20
CA GLN A 44 -43.63 -14.91 -10.26
C GLN A 44 -44.17 -15.88 -11.33
N LYS A 45 -45.51 -15.89 -11.55
CA LYS A 45 -46.20 -16.71 -12.55
C LYS A 45 -45.88 -16.26 -13.97
N ALA A 46 -45.62 -14.93 -14.15
CA ALA A 46 -45.36 -14.31 -15.44
C ALA A 46 -44.00 -14.69 -16.02
N THR A 47 -43.89 -14.57 -17.35
CA THR A 47 -42.66 -14.86 -18.08
C THR A 47 -42.13 -13.53 -18.66
N PRO A 48 -40.92 -13.08 -18.24
CA PRO A 48 -40.38 -11.83 -18.79
C PRO A 48 -40.10 -11.93 -20.30
N PRO A 49 -40.40 -10.87 -21.09
CA PRO A 49 -40.14 -10.93 -22.54
C PRO A 49 -38.67 -11.19 -22.88
N LYS A 50 -37.74 -10.82 -21.97
CA LYS A 50 -36.30 -11.07 -22.11
C LYS A 50 -35.99 -12.58 -22.09
N LEU A 51 -36.83 -13.39 -21.39
CA LEU A 51 -36.66 -14.83 -21.27
C LEU A 51 -37.84 -15.63 -21.86
N GLU A 52 -38.56 -15.09 -22.87
CA GLU A 52 -39.69 -15.82 -23.48
C GLU A 52 -39.17 -16.94 -24.43
N ASP A 53 -37.95 -16.77 -24.97
CA ASP A 53 -37.25 -17.72 -25.83
C ASP A 53 -36.66 -18.87 -25.00
N LYS A 54 -36.49 -18.61 -23.68
CA LYS A 54 -35.95 -19.54 -22.70
C LYS A 54 -37.02 -20.51 -22.17
N SER A 55 -36.60 -21.74 -21.89
CA SER A 55 -37.42 -22.81 -21.31
C SER A 55 -37.86 -22.39 -19.89
N PRO A 56 -39.04 -22.80 -19.37
CA PRO A 56 -39.42 -22.39 -18.01
C PRO A 56 -38.51 -22.98 -16.92
N ASP A 57 -37.76 -24.06 -17.24
CA ASP A 57 -36.82 -24.71 -16.30
C ASP A 57 -35.37 -24.28 -16.54
N SER A 58 -35.16 -23.22 -17.33
CA SER A 58 -33.83 -22.69 -17.63
C SER A 58 -33.23 -22.00 -16.40
N PRO A 59 -31.87 -21.88 -16.28
CA PRO A 59 -31.29 -21.18 -15.11
C PRO A 59 -31.86 -19.77 -14.87
N GLU A 60 -32.12 -19.04 -15.96
CA GLU A 60 -32.64 -17.67 -16.00
C GLU A 60 -34.06 -17.58 -15.41
N MET A 61 -34.98 -18.44 -15.87
CA MET A 61 -36.37 -18.45 -15.39
C MET A 61 -36.45 -18.90 -13.94
N LYS A 62 -35.62 -19.89 -13.57
CA LYS A 62 -35.48 -20.45 -12.23
C LYS A 62 -34.96 -19.37 -11.27
N ASP A 63 -34.03 -18.51 -11.73
CA ASP A 63 -33.49 -17.44 -10.90
C ASP A 63 -34.50 -16.29 -10.74
N PHE A 64 -35.28 -16.00 -11.81
CA PHE A 64 -36.33 -14.98 -11.79
C PHE A 64 -37.40 -15.32 -10.73
N ARG A 65 -37.88 -16.58 -10.73
CA ARG A 65 -38.87 -17.09 -9.78
C ARG A 65 -38.28 -17.17 -8.36
N HIS A 66 -37.00 -17.55 -8.24
CA HIS A 66 -36.29 -17.63 -6.96
C HIS A 66 -36.20 -16.25 -6.30
N GLY A 67 -36.06 -15.19 -7.12
CA GLY A 67 -36.02 -13.81 -6.66
C GLY A 67 -37.30 -13.41 -5.94
N PHE A 68 -38.45 -13.89 -6.47
CA PHE A 68 -39.77 -13.66 -5.89
C PHE A 68 -39.98 -14.51 -4.63
N ASP A 69 -39.26 -15.66 -4.52
CA ASP A 69 -39.30 -16.52 -3.34
C ASP A 69 -38.60 -15.83 -2.18
N ILE A 70 -37.41 -15.22 -2.42
CA ILE A 70 -36.67 -14.50 -1.38
C ILE A 70 -37.43 -13.19 -1.07
N LEU A 71 -38.10 -12.57 -2.07
CA LEU A 71 -38.87 -11.35 -1.87
C LEU A 71 -40.09 -11.62 -0.95
N VAL A 72 -40.84 -12.73 -1.19
CA VAL A 72 -41.99 -13.18 -0.39
C VAL A 72 -41.51 -13.58 1.02
N GLY A 73 -40.37 -14.28 1.06
CA GLY A 73 -39.74 -14.77 2.28
C GLY A 73 -39.28 -13.68 3.23
N GLN A 74 -38.92 -12.50 2.68
CA GLN A 74 -38.50 -11.32 3.43
C GLN A 74 -39.72 -10.47 3.84
N ILE A 75 -40.85 -10.66 3.13
CA ILE A 75 -42.13 -10.00 3.45
C ILE A 75 -42.65 -10.69 4.72
N ASP A 76 -42.52 -12.03 4.81
CA ASP A 76 -42.92 -12.83 5.98
C ASP A 76 -42.12 -12.39 7.22
N ASP A 77 -40.83 -12.04 7.02
CA ASP A 77 -39.96 -11.56 8.10
C ASP A 77 -40.37 -10.15 8.54
N ALA A 78 -40.93 -9.34 7.61
CA ALA A 78 -41.37 -7.96 7.84
C ALA A 78 -42.83 -7.87 8.32
N LEU A 79 -43.69 -8.85 7.94
CA LEU A 79 -45.10 -8.90 8.36
C LEU A 79 -45.22 -9.26 9.84
N LYS A 80 -44.36 -10.18 10.34
CA LYS A 80 -44.36 -10.61 11.75
C LYS A 80 -43.87 -9.46 12.66
N LEU A 81 -43.00 -8.57 12.14
CA LEU A 81 -42.51 -7.40 12.88
C LEU A 81 -43.58 -6.30 12.88
N ALA A 82 -44.34 -6.17 11.76
CA ALA A 82 -45.43 -5.20 11.59
C ALA A 82 -46.62 -5.57 12.49
N ASN A 83 -46.88 -6.88 12.68
CA ASN A 83 -47.93 -7.41 13.53
C ASN A 83 -47.56 -7.28 15.02
N GLU A 84 -46.24 -7.23 15.32
CA GLU A 84 -45.71 -7.07 16.67
C GLU A 84 -45.55 -5.59 17.07
N GLY A 85 -46.01 -4.69 16.19
CA GLY A 85 -45.98 -3.25 16.40
C GLY A 85 -44.63 -2.58 16.22
N LYS A 86 -43.62 -3.32 15.74
CA LYS A 86 -42.27 -2.79 15.51
C LYS A 86 -42.21 -2.11 14.14
N VAL A 87 -42.77 -0.88 14.05
CA VAL A 87 -42.86 -0.04 12.84
C VAL A 87 -41.46 0.30 12.31
N LYS A 88 -40.53 0.69 13.20
CA LYS A 88 -39.15 1.04 12.87
C LYS A 88 -38.38 -0.18 12.32
N GLU A 89 -38.67 -1.39 12.84
CA GLU A 89 -38.05 -2.63 12.38
C GLU A 89 -38.69 -3.13 11.08
N ALA A 90 -40.01 -2.88 10.88
CA ALA A 90 -40.76 -3.29 9.69
C ALA A 90 -40.34 -2.46 8.46
N GLN A 91 -40.08 -1.15 8.64
CA GLN A 91 -39.64 -0.26 7.58
C GLN A 91 -38.17 -0.51 7.21
N ALA A 92 -37.34 -0.90 8.20
CA ALA A 92 -35.92 -1.21 8.01
C ALA A 92 -35.75 -2.52 7.23
N ALA A 93 -36.67 -3.50 7.45
CA ALA A 93 -36.70 -4.79 6.77
C ALA A 93 -37.24 -4.62 5.34
N ALA A 94 -38.10 -3.59 5.13
CA ALA A 94 -38.72 -3.24 3.84
C ALA A 94 -37.70 -2.62 2.87
N GLU A 95 -36.56 -2.12 3.39
CA GLU A 95 -35.49 -1.54 2.57
C GLU A 95 -34.64 -2.67 1.96
N GLN A 96 -34.68 -3.87 2.58
CA GLN A 96 -34.01 -5.07 2.08
C GLN A 96 -34.85 -5.67 0.93
N LEU A 97 -36.14 -5.27 0.82
CA LEU A 97 -37.05 -5.67 -0.26
C LEU A 97 -36.69 -4.91 -1.52
N LYS A 98 -36.31 -3.61 -1.37
CA LYS A 98 -35.85 -2.71 -2.44
C LYS A 98 -34.59 -3.28 -3.09
N THR A 99 -33.74 -3.94 -2.29
CA THR A 99 -32.53 -4.60 -2.74
C THR A 99 -32.89 -5.84 -3.56
N THR A 100 -33.82 -6.67 -3.05
CA THR A 100 -34.25 -7.90 -3.71
C THR A 100 -34.90 -7.61 -5.06
N ARG A 101 -35.74 -6.56 -5.11
CA ARG A 101 -36.44 -6.10 -6.31
C ARG A 101 -35.41 -5.66 -7.35
N ASN A 102 -34.58 -4.66 -6.99
CA ASN A 102 -33.57 -4.04 -7.84
C ASN A 102 -32.41 -4.95 -8.23
N ALA A 103 -31.81 -5.66 -7.25
CA ALA A 103 -30.63 -6.47 -7.53
C ALA A 103 -30.90 -7.85 -8.11
N TYR A 104 -32.03 -8.48 -7.76
CA TYR A 104 -32.25 -9.84 -8.25
C TYR A 104 -33.35 -9.95 -9.31
N ILE A 105 -34.38 -9.09 -9.28
CA ILE A 105 -35.49 -9.24 -10.23
C ILE A 105 -35.46 -8.23 -11.41
N GLN A 106 -35.18 -6.93 -11.15
CA GLN A 106 -35.17 -5.83 -12.13
C GLN A 106 -34.36 -6.12 -13.42
N LYS A 107 -33.39 -7.04 -13.39
CA LYS A 107 -32.56 -7.39 -14.55
C LYS A 107 -33.36 -8.13 -15.64
N TYR A 108 -34.47 -8.78 -15.26
CA TYR A 108 -35.32 -9.54 -16.18
C TYR A 108 -36.46 -8.67 -16.72
N LEU A 109 -36.66 -7.49 -16.13
CA LEU A 109 -37.71 -6.55 -16.54
C LEU A 109 -37.15 -5.36 -17.29
N SER A 110 -38.05 -4.52 -17.86
CA SER A 110 -37.67 -3.29 -18.54
C SER A 110 -37.18 -2.31 -17.49
N GLY A 111 -35.93 -1.88 -17.64
CA GLY A 111 -35.34 -0.96 -16.66
C GLY A 111 -34.13 -0.20 -17.13
N GLN A 112 -33.60 0.61 -16.23
CA GLN A 112 -32.43 1.48 -16.41
C GLN A 112 -31.16 0.70 -16.73
N CYS A 113 -30.96 -0.47 -16.07
CA CYS A 113 -29.72 -1.24 -16.14
C CYS A 113 -29.83 -2.51 -16.93
N GLU A 114 -28.67 -2.96 -17.46
CA GLU A 114 -28.48 -4.18 -18.23
C GLU A 114 -27.31 -4.98 -17.63
N VAL A 115 -27.51 -6.31 -17.44
CA VAL A 115 -26.54 -7.28 -16.93
C VAL A 115 -25.20 -7.07 -17.67
N PRO A 116 -24.03 -6.99 -16.96
CA PRO A 116 -23.82 -7.26 -15.53
C PRO A 116 -24.05 -6.05 -14.59
N LEU A 117 -24.76 -5.01 -15.06
CA LEU A 117 -25.13 -3.90 -14.18
C LEU A 117 -26.49 -4.21 -13.59
N VAL A 118 -26.77 -3.65 -12.43
CA VAL A 118 -27.98 -3.91 -11.67
C VAL A 118 -28.42 -2.59 -10.99
N ARG A 119 -29.73 -2.36 -10.90
CA ARG A 119 -30.29 -1.16 -10.28
C ARG A 119 -29.91 -1.10 -8.81
N THR A 120 -29.50 0.08 -8.36
CA THR A 120 -29.14 0.36 -6.98
C THR A 120 -29.39 1.85 -6.71
N ASP A 121 -30.02 2.14 -5.57
CA ASP A 121 -30.36 3.48 -5.09
C ASP A 121 -29.22 4.03 -4.24
N ASN A 122 -28.12 3.24 -4.12
CA ASN A 122 -26.93 3.62 -3.38
C ASN A 122 -25.93 4.25 -4.37
N PRO A 123 -25.76 5.60 -4.33
CA PRO A 123 -24.85 6.27 -5.29
C PRO A 123 -23.39 5.83 -5.18
N LYS A 124 -22.96 5.36 -4.00
CA LYS A 124 -21.61 4.86 -3.77
C LYS A 124 -21.36 3.59 -4.62
N SER A 125 -22.42 2.82 -4.94
CA SER A 125 -22.33 1.61 -5.75
C SER A 125 -22.39 1.88 -7.26
N TRP A 126 -22.79 3.10 -7.69
CA TRP A 126 -22.94 3.39 -9.12
C TRP A 126 -21.62 3.19 -9.88
N TYR A 127 -21.69 2.42 -10.97
CA TYR A 127 -20.55 2.10 -11.81
C TYR A 127 -20.34 3.24 -12.77
N GLU A 128 -19.21 3.94 -12.61
CA GLU A 128 -18.76 5.06 -13.44
C GLU A 128 -19.89 6.11 -13.64
N ASP A 129 -20.17 6.50 -14.89
CA ASP A 129 -21.19 7.51 -15.20
C ASP A 129 -22.59 6.88 -15.42
N VAL A 130 -22.72 5.55 -15.19
CA VAL A 130 -23.99 4.83 -15.36
C VAL A 130 -24.79 4.98 -14.07
N GLU A 131 -25.44 6.14 -13.94
CA GLU A 131 -26.26 6.52 -12.79
C GLU A 131 -27.36 5.48 -12.56
N GLY A 132 -27.55 5.11 -11.29
CA GLY A 132 -28.59 4.18 -10.86
C GLY A 132 -28.23 2.72 -10.96
N CYS A 133 -27.09 2.40 -11.61
CA CYS A 133 -26.65 1.03 -11.85
C CYS A 133 -25.29 0.75 -11.23
N GLY A 134 -25.21 -0.40 -10.57
CA GLY A 134 -23.99 -0.92 -9.97
C GLY A 134 -23.65 -2.29 -10.51
N ILE A 135 -22.41 -2.75 -10.30
CA ILE A 135 -21.96 -4.05 -10.79
C ILE A 135 -22.49 -5.13 -9.86
N GLN A 136 -23.19 -6.14 -10.44
CA GLN A 136 -23.79 -7.27 -9.75
C GLN A 136 -22.74 -8.02 -8.93
N CYS A 137 -23.16 -8.57 -7.78
CA CYS A 137 -22.26 -9.26 -6.89
C CYS A 137 -21.58 -10.47 -7.53
N GLN A 138 -22.32 -11.30 -8.27
CA GLN A 138 -21.73 -12.46 -8.92
C GLN A 138 -20.76 -12.03 -10.01
N ASN A 139 -19.50 -12.47 -9.91
CA ASN A 139 -18.46 -12.14 -10.89
C ASN A 139 -18.98 -12.46 -12.30
N PRO A 140 -19.13 -11.42 -13.16
CA PRO A 140 -19.72 -11.67 -14.50
C PRO A 140 -18.79 -12.37 -15.48
N LEU A 141 -17.52 -12.57 -15.11
CA LEU A 141 -16.55 -13.21 -15.97
C LEU A 141 -16.61 -14.73 -15.90
N PHE A 142 -17.21 -15.27 -14.80
CA PHE A 142 -17.27 -16.71 -14.60
C PHE A 142 -18.72 -17.20 -14.44
N THR A 143 -19.01 -18.37 -15.04
CA THR A 143 -20.34 -19.00 -15.02
C THR A 143 -20.67 -19.50 -13.60
N GLU A 144 -21.93 -19.93 -13.39
CA GLU A 144 -22.40 -20.48 -12.12
C GLU A 144 -21.67 -21.81 -11.83
N ALA A 145 -21.46 -22.65 -12.89
CA ALA A 145 -20.78 -23.94 -12.81
C ALA A 145 -19.33 -23.73 -12.45
N GLU A 146 -18.67 -22.71 -13.05
CA GLU A 146 -17.29 -22.34 -12.74
C GLU A 146 -17.18 -21.90 -11.27
N HIS A 147 -18.17 -21.15 -10.76
CA HIS A 147 -18.24 -20.73 -9.34
C HIS A 147 -18.38 -21.97 -8.43
N GLN A 148 -19.38 -22.83 -8.71
CA GLN A 148 -19.69 -24.05 -7.95
C GLN A 148 -18.51 -25.03 -7.89
N ASP A 149 -17.77 -25.14 -9.00
CA ASP A 149 -16.57 -25.97 -9.09
C ASP A 149 -15.44 -25.37 -8.21
N MET A 150 -15.32 -24.04 -8.18
CA MET A 150 -14.32 -23.37 -7.35
C MET A 150 -14.65 -23.52 -5.87
N HIS A 151 -15.94 -23.41 -5.50
CA HIS A 151 -16.39 -23.52 -4.12
C HIS A 151 -16.18 -24.93 -3.57
N SER A 152 -16.37 -25.97 -4.41
CA SER A 152 -16.12 -27.36 -4.01
C SER A 152 -14.63 -27.58 -3.75
N TYR A 153 -13.79 -27.04 -4.65
CA TYR A 153 -12.32 -27.11 -4.58
C TYR A 153 -11.82 -26.46 -3.28
N ILE A 154 -12.29 -25.24 -2.96
CA ILE A 154 -11.87 -24.49 -1.73
C ILE A 154 -12.31 -25.25 -0.46
N ALA A 155 -13.54 -25.80 -0.48
CA ALA A 155 -14.15 -26.56 0.62
C ALA A 155 -13.32 -27.77 0.97
N ALA A 156 -12.90 -28.57 -0.03
CA ALA A 156 -12.12 -29.79 0.18
C ALA A 156 -10.73 -29.46 0.69
N PHE A 157 -10.01 -28.53 0.01
CA PHE A 157 -8.66 -28.12 0.40
C PHE A 157 -8.64 -27.43 1.76
N GLY A 158 -9.59 -26.53 1.99
CA GLY A 158 -9.73 -25.78 3.24
C GLY A 158 -10.09 -26.61 4.46
N ALA A 159 -11.00 -27.60 4.30
CA ALA A 159 -11.42 -28.49 5.40
C ALA A 159 -10.27 -29.41 5.80
N VAL A 160 -9.55 -30.00 4.80
CA VAL A 160 -8.40 -30.87 5.00
C VAL A 160 -7.27 -30.05 5.68
N THR A 161 -6.98 -28.81 5.19
CA THR A 161 -5.94 -27.95 5.79
C THR A 161 -6.33 -27.56 7.23
N GLY A 162 -7.61 -27.29 7.47
CA GLY A 162 -8.10 -26.94 8.81
C GLY A 162 -7.90 -28.09 9.80
N LEU A 163 -8.34 -29.30 9.41
CA LEU A 163 -8.26 -30.52 10.24
C LEU A 163 -6.83 -30.97 10.50
N CYS A 164 -5.95 -30.92 9.48
CA CYS A 164 -4.54 -31.29 9.58
C CYS A 164 -3.77 -30.33 10.49
N THR A 165 -3.99 -29.01 10.33
CA THR A 165 -3.32 -27.99 11.15
C THR A 165 -3.85 -28.03 12.58
N LEU A 166 -5.18 -28.24 12.77
CA LEU A 166 -5.81 -28.34 14.09
C LEU A 166 -5.27 -29.54 14.86
N PHE A 167 -4.95 -30.63 14.15
CA PHE A 167 -4.38 -31.82 14.78
C PHE A 167 -2.97 -31.51 15.28
N THR A 168 -2.17 -30.83 14.44
CA THR A 168 -0.78 -30.46 14.75
C THR A 168 -0.76 -29.42 15.88
N LEU A 169 -1.70 -28.45 15.89
CA LEU A 169 -1.79 -27.46 16.98
C LEU A 169 -2.13 -28.19 18.29
N ALA A 170 -3.10 -29.13 18.24
CA ALA A 170 -3.53 -29.92 19.41
C ALA A 170 -2.37 -30.74 20.00
N THR A 171 -1.57 -31.41 19.14
CA THR A 171 -0.42 -32.23 19.51
C THR A 171 0.67 -31.39 20.22
N PHE A 172 0.91 -30.17 19.72
CA PHE A 172 1.90 -29.26 20.31
C PHE A 172 1.44 -28.74 21.68
N VAL A 173 0.12 -28.41 21.83
CA VAL A 173 -0.45 -27.89 23.09
C VAL A 173 -0.63 -29.02 24.12
N ALA A 174 -0.73 -30.28 23.65
CA ALA A 174 -0.86 -31.45 24.51
C ALA A 174 0.48 -31.73 25.22
N ASP A 175 1.62 -31.44 24.54
CA ASP A 175 2.97 -31.63 25.05
C ASP A 175 3.72 -30.28 25.12
N TRP A 176 3.00 -29.17 25.41
CA TRP A 176 3.54 -27.79 25.40
C TRP A 176 4.86 -27.57 26.17
N ARG A 177 5.05 -28.20 27.35
CA ARG A 177 6.27 -28.03 28.14
C ARG A 177 7.50 -28.59 27.40
N ASN A 178 7.33 -29.71 26.66
CA ASN A 178 8.41 -30.36 25.92
C ASN A 178 8.45 -29.96 24.44
N SER A 179 7.30 -29.55 23.88
CA SER A 179 7.17 -29.17 22.47
C SER A 179 7.57 -27.73 22.22
N ASN A 180 7.34 -26.83 23.21
CA ASN A 180 7.72 -25.42 23.08
C ASN A 180 9.23 -25.30 23.16
N ARG A 181 9.87 -25.60 22.03
CA ARG A 181 11.32 -25.62 21.87
C ARG A 181 11.68 -25.32 20.44
N TYR A 182 12.78 -24.59 20.28
CA TYR A 182 13.30 -24.22 18.99
C TYR A 182 14.28 -25.27 18.47
N PRO A 183 14.31 -25.54 17.15
CA PRO A 183 13.55 -24.88 16.07
C PRO A 183 12.17 -25.51 15.80
N ALA A 184 11.77 -26.53 16.60
CA ALA A 184 10.53 -27.28 16.45
C ALA A 184 9.24 -26.44 16.54
N VAL A 185 9.13 -25.54 17.54
CA VAL A 185 7.96 -24.70 17.82
C VAL A 185 7.66 -23.69 16.64
N ILE A 186 8.63 -23.45 15.72
CA ILE A 186 8.40 -22.57 14.55
C ILE A 186 7.27 -23.19 13.70
N LEU A 187 7.25 -24.55 13.64
CA LEU A 187 6.25 -25.32 12.92
C LEU A 187 4.89 -25.23 13.60
N PHE A 188 4.84 -24.97 14.92
CA PHE A 188 3.57 -24.76 15.61
C PHE A 188 2.95 -23.40 15.15
N TYR A 189 3.79 -22.35 14.98
CA TYR A 189 3.32 -21.02 14.58
C TYR A 189 2.93 -20.98 13.10
N VAL A 190 3.63 -21.74 12.22
CA VAL A 190 3.34 -21.89 10.80
C VAL A 190 1.94 -22.52 10.69
N ASN A 191 1.72 -23.63 11.40
CA ASN A 191 0.45 -24.34 11.46
C ASN A 191 -0.70 -23.45 11.95
N ALA A 192 -0.43 -22.60 12.97
CA ALA A 192 -1.40 -21.66 13.54
C ALA A 192 -1.89 -20.65 12.48
N CYS A 193 -0.96 -20.18 11.60
CA CYS A 193 -1.28 -19.27 10.49
C CYS A 193 -2.18 -19.96 9.46
N PHE A 194 -1.82 -21.19 9.04
CA PHE A 194 -2.59 -21.94 8.04
C PHE A 194 -3.95 -22.35 8.59
N PHE A 195 -4.06 -22.63 9.92
CA PHE A 195 -5.35 -22.96 10.54
C PHE A 195 -6.29 -21.76 10.48
N VAL A 196 -5.80 -20.59 10.98
CA VAL A 196 -6.53 -19.34 11.03
C VAL A 196 -6.94 -18.95 9.61
N GLY A 197 -6.00 -19.00 8.66
CA GLY A 197 -6.22 -18.72 7.24
C GLY A 197 -7.31 -19.59 6.63
N SER A 198 -7.36 -20.88 7.03
CA SER A 198 -8.35 -21.87 6.57
C SER A 198 -9.74 -21.49 7.04
N ILE A 199 -9.88 -20.92 8.27
CA ILE A 199 -11.16 -20.47 8.80
C ILE A 199 -11.68 -19.34 7.89
N GLY A 200 -10.77 -18.46 7.47
CA GLY A 200 -11.05 -17.35 6.58
C GLY A 200 -11.65 -17.79 5.26
N TRP A 201 -11.02 -18.80 4.63
CA TRP A 201 -11.44 -19.39 3.37
C TRP A 201 -12.72 -20.20 3.51
N LEU A 202 -12.91 -20.88 4.64
CA LEU A 202 -14.08 -21.74 4.87
C LEU A 202 -15.34 -20.98 5.35
N ALA A 203 -15.21 -19.72 5.79
CA ALA A 203 -16.33 -18.92 6.32
C ALA A 203 -17.52 -18.84 5.35
N GLN A 204 -17.23 -18.74 4.03
CA GLN A 204 -18.20 -18.67 2.94
C GLN A 204 -19.14 -19.88 2.88
N PHE A 205 -18.73 -21.04 3.45
CA PHE A 205 -19.54 -22.25 3.33
C PHE A 205 -20.68 -22.28 4.36
N MET A 206 -20.68 -21.35 5.34
CA MET A 206 -21.78 -21.21 6.30
C MET A 206 -23.02 -20.65 5.56
N ASP A 207 -24.24 -20.97 6.05
CA ASP A 207 -25.49 -20.58 5.38
C ASP A 207 -25.61 -19.06 5.14
N GLY A 208 -25.69 -18.71 3.85
CA GLY A 208 -25.81 -17.35 3.35
C GLY A 208 -24.64 -16.43 3.66
N ALA A 209 -23.51 -17.01 4.12
CA ALA A 209 -22.31 -16.26 4.50
C ALA A 209 -21.59 -15.66 3.30
N ARG A 210 -21.42 -16.43 2.19
CA ARG A 210 -20.72 -15.90 1.02
C ARG A 210 -21.32 -14.56 0.56
N ARG A 211 -22.67 -14.49 0.41
CA ARG A 211 -23.38 -13.27 -0.01
C ARG A 211 -23.12 -12.11 0.96
N GLU A 212 -23.05 -12.39 2.26
CA GLU A 212 -22.79 -11.37 3.29
C GLU A 212 -21.32 -10.94 3.23
N ILE A 213 -20.41 -11.85 2.88
CA ILE A 213 -18.98 -11.55 2.83
C ILE A 213 -18.66 -10.71 1.59
N VAL A 214 -19.08 -11.14 0.42
CA VAL A 214 -18.69 -10.59 -0.87
C VAL A 214 -19.65 -9.51 -1.45
N CYS A 215 -20.90 -9.41 -0.97
CA CYS A 215 -21.86 -8.45 -1.51
C CYS A 215 -22.14 -7.37 -0.53
N ARG A 216 -22.55 -6.21 -1.10
CA ARG A 216 -23.02 -5.05 -0.37
C ARG A 216 -24.49 -5.28 -0.04
N ALA A 217 -25.01 -4.48 0.92
CA ALA A 217 -26.40 -4.52 1.38
C ALA A 217 -27.38 -4.27 0.21
N ASP A 218 -26.91 -3.59 -0.88
CA ASP A 218 -27.70 -3.29 -2.06
C ASP A 218 -27.56 -4.39 -3.16
N GLY A 219 -26.80 -5.45 -2.86
CA GLY A 219 -26.60 -6.58 -3.77
C GLY A 219 -25.51 -6.42 -4.81
N THR A 220 -24.73 -5.33 -4.74
CA THR A 220 -23.62 -5.08 -5.67
C THR A 220 -22.34 -5.63 -5.04
N MET A 221 -21.28 -5.83 -5.82
CA MET A 221 -20.10 -6.42 -5.22
C MET A 221 -19.36 -5.47 -4.30
N ARG A 222 -18.72 -6.05 -3.29
CA ARG A 222 -17.92 -5.31 -2.32
C ARG A 222 -16.64 -4.87 -2.99
N LEU A 223 -16.40 -3.56 -2.93
CA LEU A 223 -15.26 -2.88 -3.53
C LEU A 223 -14.80 -1.77 -2.63
N GLY A 224 -13.48 -1.53 -2.59
CA GLY A 224 -12.88 -0.45 -1.83
C GLY A 224 -13.32 -0.43 -0.39
N GLU A 225 -13.24 -1.58 0.25
CA GLU A 225 -13.61 -1.81 1.63
C GLU A 225 -12.40 -1.45 2.51
N PRO A 226 -12.54 -0.88 3.74
CA PRO A 226 -13.76 -0.56 4.50
C PRO A 226 -14.60 0.55 3.87
N THR A 227 -15.85 0.22 3.49
CA THR A 227 -16.83 1.15 2.92
C THR A 227 -17.84 1.51 3.98
N SER A 228 -18.22 2.78 4.01
CA SER A 228 -19.18 3.32 4.97
C SER A 228 -20.56 2.66 4.83
N ASN A 229 -21.20 2.43 5.99
CA ASN A 229 -22.55 1.88 6.18
C ASN A 229 -22.70 0.48 5.59
N GLU A 230 -21.58 -0.24 5.52
CA GLU A 230 -21.51 -1.63 5.10
C GLU A 230 -21.09 -2.42 6.31
N THR A 231 -21.44 -3.68 6.36
CA THR A 231 -21.11 -4.58 7.46
C THR A 231 -19.57 -4.87 7.48
N LEU A 232 -19.02 -5.27 8.63
CA LEU A 232 -17.58 -5.54 8.76
C LEU A 232 -17.18 -6.95 8.33
N SER A 233 -18.15 -7.80 7.93
CA SER A 233 -17.93 -9.21 7.53
C SER A 233 -16.83 -9.37 6.47
N CYS A 234 -16.80 -8.45 5.48
CA CYS A 234 -15.82 -8.42 4.41
C CYS A 234 -14.41 -8.15 4.95
N VAL A 235 -14.23 -7.10 5.81
CA VAL A 235 -12.90 -6.77 6.33
C VAL A 235 -12.45 -7.80 7.38
N ILE A 236 -13.38 -8.47 8.08
CA ILE A 236 -12.99 -9.51 9.04
C ILE A 236 -12.36 -10.67 8.26
N ILE A 237 -12.99 -11.10 7.15
CA ILE A 237 -12.54 -12.21 6.29
C ILE A 237 -11.21 -11.85 5.64
N PHE A 238 -11.06 -10.60 5.20
CA PHE A 238 -9.82 -10.12 4.63
C PHE A 238 -8.70 -10.22 5.63
N VAL A 239 -8.89 -9.67 6.84
CA VAL A 239 -7.88 -9.63 7.89
C VAL A 239 -7.44 -11.05 8.21
N ILE A 240 -8.40 -11.96 8.46
CA ILE A 240 -8.09 -13.36 8.76
C ILE A 240 -7.24 -13.99 7.61
N VAL A 241 -7.64 -13.82 6.35
CA VAL A 241 -6.92 -14.42 5.23
C VAL A 241 -5.59 -13.70 4.96
N TYR A 242 -5.60 -12.37 4.86
CA TYR A 242 -4.39 -11.63 4.53
C TYR A 242 -3.35 -11.72 5.64
N TYR A 243 -3.74 -11.47 6.92
CA TYR A 243 -2.82 -11.54 8.05
C TYR A 243 -2.21 -12.93 8.18
N ALA A 244 -3.05 -13.99 8.12
CA ALA A 244 -2.57 -15.36 8.25
C ALA A 244 -1.59 -15.71 7.14
N LEU A 245 -1.91 -15.32 5.88
CA LEU A 245 -1.05 -15.52 4.70
C LEU A 245 0.31 -14.82 4.88
N MET A 246 0.30 -13.55 5.34
CA MET A 246 1.51 -12.77 5.53
C MET A 246 2.31 -13.28 6.72
N ALA A 247 1.67 -13.62 7.85
CA ALA A 247 2.37 -14.18 9.01
C ALA A 247 3.04 -15.50 8.65
N GLY A 248 2.33 -16.37 7.94
CA GLY A 248 2.81 -17.67 7.47
C GLY A 248 4.10 -17.62 6.67
N VAL A 249 4.19 -16.70 5.68
CA VAL A 249 5.39 -16.58 4.83
C VAL A 249 6.57 -15.94 5.62
N VAL A 250 6.29 -15.14 6.67
CA VAL A 250 7.33 -14.56 7.51
C VAL A 250 7.84 -15.66 8.48
N TRP A 251 6.92 -16.53 8.95
CA TRP A 251 7.29 -17.64 9.83
C TRP A 251 8.07 -18.68 9.05
N PHE A 252 7.90 -18.70 7.72
CA PHE A 252 8.67 -19.55 6.80
C PHE A 252 10.14 -19.03 6.74
N VAL A 253 10.34 -17.69 6.69
CA VAL A 253 11.68 -17.09 6.69
C VAL A 253 12.42 -17.47 8.00
N VAL A 254 11.71 -17.44 9.15
CA VAL A 254 12.22 -17.79 10.48
C VAL A 254 12.69 -19.25 10.47
N LEU A 255 11.91 -20.15 9.81
CA LEU A 255 12.20 -21.57 9.63
C LEU A 255 13.56 -21.73 8.92
N THR A 256 13.76 -21.03 7.78
CA THR A 256 15.00 -21.09 6.97
C THR A 256 16.16 -20.52 7.76
N TYR A 257 15.90 -19.46 8.57
CA TYR A 257 16.88 -18.82 9.44
C TYR A 257 17.34 -19.81 10.53
N ALA A 258 16.37 -20.51 11.17
CA ALA A 258 16.65 -21.49 12.21
C ALA A 258 17.49 -22.62 11.69
N TRP A 259 17.23 -23.05 10.44
CA TRP A 259 17.99 -24.10 9.78
C TRP A 259 19.45 -23.67 9.60
N HIS A 260 19.69 -22.48 9.02
CA HIS A 260 21.05 -21.96 8.81
C HIS A 260 21.82 -21.72 10.14
N THR A 261 21.20 -21.02 11.12
CA THR A 261 21.86 -20.66 12.36
C THR A 261 22.05 -21.84 13.34
N SER A 262 21.20 -22.90 13.28
CA SER A 262 21.37 -24.07 14.16
C SER A 262 22.65 -24.83 13.78
N PHE A 263 22.99 -24.84 12.48
CA PHE A 263 24.24 -25.44 12.00
C PHE A 263 25.42 -24.50 12.37
N LYS A 264 25.24 -23.18 12.14
CA LYS A 264 26.24 -22.15 12.45
C LYS A 264 26.66 -22.20 13.90
N ALA A 265 25.70 -22.47 14.81
CA ALA A 265 25.91 -22.54 16.26
C ALA A 265 26.82 -23.71 16.65
N LEU A 266 26.89 -24.77 15.81
CA LEU A 266 27.76 -25.92 16.07
C LEU A 266 29.20 -25.69 15.65
N GLY A 267 29.42 -24.74 14.73
CA GLY A 267 30.74 -24.49 14.17
C GLY A 267 31.50 -23.24 14.52
N THR A 268 30.85 -22.22 15.11
CA THR A 268 31.51 -20.94 15.41
C THR A 268 30.75 -20.15 16.49
N THR A 269 31.30 -18.98 16.88
CA THR A 269 30.71 -18.04 17.85
C THR A 269 29.44 -17.51 17.18
N TYR A 270 28.31 -18.12 17.57
CA TYR A 270 26.97 -17.86 17.06
C TYR A 270 25.94 -18.51 17.96
N GLN A 271 25.05 -17.71 18.59
CA GLN A 271 24.03 -18.22 19.49
C GLN A 271 22.86 -18.82 18.69
N PRO A 272 22.39 -20.03 19.02
CA PRO A 272 21.28 -20.63 18.25
C PRO A 272 19.95 -19.91 18.51
N GLY A 275 16.21 -19.45 17.16
CA GLY A 275 16.55 -20.38 18.23
C GLY A 275 16.66 -19.73 19.61
N LYS A 276 16.50 -20.55 20.68
CA LYS A 276 16.60 -20.18 22.11
C LYS A 276 15.67 -18.99 22.48
N THR A 277 16.06 -18.20 23.51
CA THR A 277 15.29 -17.03 23.97
C THR A 277 15.59 -15.81 23.07
N SER A 278 14.99 -15.82 21.87
CA SER A 278 15.05 -14.77 20.86
C SER A 278 13.63 -14.46 20.40
N TYR A 279 13.26 -13.19 20.47
CA TYR A 279 11.90 -12.78 20.15
C TYR A 279 11.82 -12.07 18.80
N PHE A 280 11.94 -12.89 17.73
CA PHE A 280 11.76 -12.50 16.33
C PHE A 280 10.26 -12.34 16.10
N HIS A 281 9.45 -12.85 17.08
CA HIS A 281 8.00 -12.74 17.19
C HIS A 281 7.56 -11.31 16.88
N LEU A 282 8.38 -10.33 17.30
CA LEU A 282 8.17 -8.91 17.08
C LEU A 282 8.06 -8.61 15.59
N LEU A 283 9.00 -9.14 14.77
CA LEU A 283 8.95 -8.97 13.32
C LEU A 283 7.80 -9.79 12.69
N THR A 284 7.63 -11.04 13.12
CA THR A 284 6.67 -12.00 12.54
C THR A 284 5.23 -11.57 12.69
N TRP A 285 4.87 -10.92 13.79
CA TRP A 285 3.50 -10.50 13.99
C TRP A 285 3.30 -9.03 13.52
N SER A 286 4.36 -8.19 13.57
CA SER A 286 4.32 -6.77 13.21
C SER A 286 4.26 -6.50 11.71
N LEU A 287 5.13 -7.17 10.92
CA LEU A 287 5.19 -7.00 9.48
C LEU A 287 3.79 -7.29 8.85
N PRO A 288 3.08 -8.42 9.15
CA PRO A 288 1.73 -8.60 8.60
C PRO A 288 0.70 -7.61 9.16
N PHE A 289 0.89 -7.15 10.42
CA PHE A 289 -0.02 -6.18 11.06
C PHE A 289 0.02 -4.82 10.35
N VAL A 290 1.21 -4.33 10.10
CA VAL A 290 1.52 -3.07 9.48
C VAL A 290 1.03 -3.10 8.04
N LEU A 291 1.19 -4.24 7.32
CA LEU A 291 0.70 -4.38 5.94
C LEU A 291 -0.85 -4.39 5.88
N THR A 292 -1.50 -5.15 6.78
CA THR A 292 -2.96 -5.25 6.89
C THR A 292 -3.60 -3.88 7.18
N VAL A 293 -3.02 -3.10 8.11
CA VAL A 293 -3.57 -1.79 8.48
C VAL A 293 -3.43 -0.78 7.30
N ALA A 294 -2.35 -0.90 6.49
CA ALA A 294 -2.13 0.00 5.36
C ALA A 294 -3.21 -0.21 4.32
N ILE A 295 -3.59 -1.49 4.06
CA ILE A 295 -4.63 -1.90 3.11
C ILE A 295 -5.97 -1.36 3.58
N LEU A 296 -6.29 -1.55 4.86
CA LEU A 296 -7.52 -1.03 5.45
C LEU A 296 -7.58 0.48 5.38
N ALA A 297 -6.45 1.18 5.57
CA ALA A 297 -6.43 2.63 5.53
C ALA A 297 -6.63 3.17 4.11
N VAL A 298 -6.10 2.45 3.07
CA VAL A 298 -6.21 2.89 1.68
C VAL A 298 -7.49 2.32 1.03
N ALA A 299 -8.26 1.56 1.83
CA ALA A 299 -9.56 0.95 1.49
C ALA A 299 -9.50 0.23 0.13
N GLN A 300 -8.67 -0.81 0.02
CA GLN A 300 -8.52 -1.55 -1.24
C GLN A 300 -8.87 -3.03 -1.10
N VAL A 301 -9.70 -3.32 -0.10
CA VAL A 301 -10.22 -4.66 0.15
C VAL A 301 -11.45 -4.82 -0.76
N ASP A 302 -11.52 -5.93 -1.52
CA ASP A 302 -12.68 -6.20 -2.39
C ASP A 302 -13.15 -7.62 -2.22
N GLY A 303 -14.43 -7.84 -2.50
CA GLY A 303 -15.02 -9.17 -2.43
C GLY A 303 -15.04 -9.82 -3.78
N ASP A 304 -14.97 -11.15 -3.80
CA ASP A 304 -15.06 -11.91 -5.04
C ASP A 304 -15.90 -13.17 -4.79
N SER A 305 -16.98 -13.32 -5.57
CA SER A 305 -17.92 -14.44 -5.44
C SER A 305 -17.27 -15.80 -5.79
N VAL A 306 -16.29 -15.84 -6.73
CA VAL A 306 -15.72 -17.13 -7.13
C VAL A 306 -14.75 -17.64 -6.02
N SER A 307 -13.93 -16.76 -5.41
CA SER A 307 -13.06 -17.15 -4.30
C SER A 307 -13.85 -17.26 -2.99
N GLY A 308 -14.92 -16.48 -2.89
CA GLY A 308 -15.80 -16.45 -1.72
C GLY A 308 -15.21 -15.74 -0.52
N ILE A 309 -14.15 -14.96 -0.76
CA ILE A 309 -13.49 -14.17 0.27
C ILE A 309 -13.38 -12.71 -0.18
N CYS A 310 -12.93 -11.88 0.74
CA CYS A 310 -12.57 -10.50 0.54
C CYS A 310 -11.05 -10.49 0.59
N PHE A 311 -10.41 -9.82 -0.37
CA PHE A 311 -8.95 -9.82 -0.44
C PHE A 311 -8.47 -8.47 -0.95
N VAL A 312 -7.15 -8.27 -1.01
CA VAL A 312 -6.53 -7.03 -1.48
C VAL A 312 -6.23 -7.12 -2.98
N GLY A 313 -6.55 -6.03 -3.68
CA GLY A 313 -6.23 -5.85 -5.07
C GLY A 313 -7.01 -6.63 -6.08
N TYR A 314 -8.28 -6.95 -5.75
CA TYR A 314 -9.16 -7.62 -6.70
C TYR A 314 -9.57 -6.62 -7.79
N LYS A 315 -9.98 -5.41 -7.39
CA LYS A 315 -10.38 -4.37 -8.29
C LYS A 315 -9.17 -3.74 -8.97
N ASN A 316 -8.12 -3.42 -8.18
CA ASN A 316 -6.92 -2.74 -8.67
C ASN A 316 -5.73 -3.60 -8.39
N TYR A 317 -5.22 -4.28 -9.45
CA TYR A 317 -4.13 -5.27 -9.39
C TYR A 317 -2.87 -4.74 -8.66
N ARG A 318 -2.55 -3.43 -8.80
CA ARG A 318 -1.35 -2.84 -8.15
C ARG A 318 -1.30 -3.10 -6.63
N TYR A 319 -2.46 -3.23 -5.97
CA TYR A 319 -2.52 -3.44 -4.53
C TYR A 319 -2.18 -4.88 -4.21
N ARG A 320 -2.57 -5.81 -5.07
CA ARG A 320 -2.15 -7.20 -4.94
C ARG A 320 -0.64 -7.31 -5.23
N ALA A 321 -0.13 -6.55 -6.20
CA ALA A 321 1.29 -6.56 -6.54
C ALA A 321 2.16 -6.04 -5.36
N GLY A 322 1.78 -4.89 -4.81
CA GLY A 322 2.48 -4.30 -3.69
C GLY A 322 2.36 -5.03 -2.37
N PHE A 323 1.17 -5.60 -2.07
CA PHE A 323 0.91 -6.20 -0.77
C PHE A 323 0.99 -7.72 -0.70
N VAL A 324 1.00 -8.41 -1.86
CA VAL A 324 1.02 -9.86 -1.90
C VAL A 324 2.22 -10.34 -2.71
N LEU A 325 2.31 -9.95 -3.98
CA LEU A 325 3.41 -10.37 -4.86
C LEU A 325 4.78 -9.92 -4.34
N ALA A 326 4.98 -8.61 -4.08
CA ALA A 326 6.26 -8.10 -3.61
C ALA A 326 6.67 -8.73 -2.25
N PRO A 327 5.80 -8.77 -1.19
CA PRO A 327 6.20 -9.43 0.07
C PRO A 327 6.61 -10.91 -0.09
N ILE A 328 5.84 -11.73 -0.84
CA ILE A 328 6.16 -13.14 -1.07
C ILE A 328 7.49 -13.24 -1.83
N GLY A 329 7.72 -12.35 -2.80
CA GLY A 329 8.97 -12.30 -3.55
C GLY A 329 10.16 -12.01 -2.64
N LEU A 330 9.99 -11.11 -1.67
CA LEU A 330 11.00 -10.76 -0.66
C LEU A 330 11.28 -11.99 0.25
N VAL A 331 10.22 -12.77 0.63
CA VAL A 331 10.39 -13.94 1.49
C VAL A 331 11.13 -15.04 0.71
N LEU A 332 10.99 -15.07 -0.63
CA LEU A 332 11.69 -16.07 -1.44
C LEU A 332 13.17 -15.77 -1.52
N ILE A 333 13.55 -14.48 -1.68
CA ILE A 333 14.96 -14.12 -1.76
C ILE A 333 15.65 -14.31 -0.38
N VAL A 334 15.00 -13.90 0.74
CA VAL A 334 15.56 -14.00 2.10
C VAL A 334 15.54 -15.47 2.58
N GLY A 335 14.40 -16.15 2.42
CA GLY A 335 14.26 -17.57 2.77
C GLY A 335 15.21 -18.44 1.95
N GLY A 336 15.27 -18.16 0.65
CA GLY A 336 16.15 -18.84 -0.30
C GLY A 336 17.60 -18.65 0.06
N TYR A 337 17.99 -17.41 0.45
CA TYR A 337 19.33 -17.06 0.90
C TYR A 337 19.75 -17.93 2.10
N PHE A 338 18.87 -18.01 3.12
CA PHE A 338 19.15 -18.78 4.32
C PHE A 338 19.22 -20.27 4.03
N LEU A 339 18.40 -20.77 3.08
CA LEU A 339 18.47 -22.18 2.70
C LEU A 339 19.81 -22.51 2.06
N ILE A 340 20.30 -21.68 1.09
CA ILE A 340 21.61 -21.87 0.42
C ILE A 340 22.76 -21.79 1.45
N ARG A 341 22.70 -20.81 2.37
CA ARG A 341 23.67 -20.58 3.44
C ARG A 341 23.64 -21.74 4.40
N GLY A 342 22.43 -22.28 4.60
CA GLY A 342 22.17 -23.43 5.44
C GLY A 342 22.83 -24.68 4.89
N VAL A 343 22.81 -24.89 3.54
CA VAL A 343 23.46 -26.07 2.97
C VAL A 343 24.99 -25.87 3.02
N MET A 344 25.49 -24.62 2.80
CA MET A 344 26.92 -24.31 2.88
C MET A 344 27.46 -24.66 4.28
N THR A 345 26.74 -24.23 5.34
CA THR A 345 27.08 -24.49 6.74
C THR A 345 26.95 -25.99 7.05
N LEU A 346 25.88 -26.66 6.54
CA LEU A 346 25.69 -28.10 6.71
C LEU A 346 26.94 -28.85 6.21
N PHE A 347 27.41 -28.55 4.98
CA PHE A 347 28.60 -29.19 4.41
C PHE A 347 29.87 -28.86 5.22
N SER A 348 29.99 -27.61 5.69
CA SER A 348 31.11 -27.13 6.50
C SER A 348 31.20 -27.90 7.83
N ILE A 349 30.04 -28.13 8.52
CA ILE A 349 30.02 -28.91 9.78
C ILE A 349 30.43 -30.33 9.48
N LYS A 350 29.86 -30.95 8.44
CA LYS A 350 30.18 -32.34 8.06
C LYS A 350 31.68 -32.48 7.78
N SER A 351 32.27 -31.45 7.17
CA SER A 351 33.70 -31.39 6.82
C SER A 351 34.57 -31.14 8.08
N ASN A 352 34.29 -30.05 8.83
CA ASN A 352 35.10 -29.67 10.00
C ASN A 352 34.83 -30.47 11.28
N HIS A 353 33.65 -31.10 11.43
CA HIS A 353 33.35 -31.93 12.61
C HIS A 353 32.98 -33.35 12.15
N PRO A 354 33.96 -34.16 11.67
CA PRO A 354 33.64 -35.49 11.14
C PRO A 354 32.85 -36.40 12.07
N GLY A 355 31.71 -36.87 11.56
CA GLY A 355 30.81 -37.80 12.23
C GLY A 355 29.92 -37.22 13.32
N LEU A 356 30.00 -35.89 13.56
CA LEU A 356 29.19 -35.22 14.59
C LEU A 356 27.71 -35.32 14.23
N LEU A 357 27.33 -34.92 13.00
CA LEU A 357 25.94 -35.02 12.55
C LEU A 357 25.70 -36.42 11.99
N SER A 358 25.43 -37.38 12.89
CA SER A 358 25.15 -38.79 12.59
C SER A 358 24.38 -39.44 13.77
N GLU A 359 23.96 -40.71 13.58
CA GLU A 359 23.24 -41.52 14.58
C GLU A 359 24.19 -42.04 15.66
N LYS A 360 25.51 -41.89 15.42
CA LYS A 360 26.59 -42.31 16.32
C LYS A 360 26.91 -41.20 17.32
N ALA A 361 26.77 -39.91 16.89
CA ALA A 361 27.10 -38.78 17.76
C ALA A 361 25.87 -37.94 18.10
N ALA A 362 25.76 -36.70 17.57
CA ALA A 362 24.64 -35.80 17.84
C ALA A 362 23.39 -36.21 17.05
N SER A 363 22.80 -37.37 17.43
CA SER A 363 21.64 -37.98 16.76
C SER A 363 20.36 -37.15 16.84
N LYS A 364 20.08 -36.48 17.98
CA LYS A 364 18.88 -35.65 18.10
C LYS A 364 19.00 -34.38 17.25
N ILE A 365 20.21 -33.75 17.23
CA ILE A 365 20.47 -32.56 16.40
C ILE A 365 20.42 -32.98 14.94
N ASN A 366 21.08 -34.12 14.58
CA ASN A 366 21.07 -34.63 13.20
C ASN A 366 19.63 -34.81 12.67
N GLU A 367 18.79 -35.54 13.43
CA GLU A 367 17.40 -35.85 13.11
C GLU A 367 16.53 -34.59 12.96
N THR A 368 16.61 -33.66 13.92
CA THR A 368 15.82 -32.42 13.90
C THR A 368 16.24 -31.54 12.72
N MET A 369 17.55 -31.49 12.40
CA MET A 369 18.09 -30.68 11.31
C MET A 369 17.74 -31.28 9.98
N LEU A 370 17.64 -32.62 9.89
CA LEU A 370 17.26 -33.29 8.67
C LEU A 370 15.81 -32.98 8.32
N ARG A 371 14.86 -33.15 9.26
CA ARG A 371 13.48 -32.89 8.88
C ARG A 371 13.16 -31.39 8.80
N LEU A 372 13.89 -30.52 9.51
CA LEU A 372 13.67 -29.07 9.41
C LEU A 372 14.04 -28.59 7.99
N GLY A 373 15.12 -29.14 7.43
CA GLY A 373 15.58 -28.85 6.07
C GLY A 373 14.64 -29.37 4.98
N ILE A 374 14.09 -30.58 5.17
CA ILE A 374 13.16 -31.14 4.20
C ILE A 374 11.89 -30.27 4.20
N PHE A 375 11.42 -29.84 5.39
CA PHE A 375 10.24 -28.99 5.54
C PHE A 375 10.49 -27.59 4.95
N GLY A 376 11.67 -27.01 5.22
CA GLY A 376 12.07 -25.71 4.70
C GLY A 376 12.23 -25.66 3.19
N PHE A 377 12.79 -26.74 2.58
CA PHE A 377 12.94 -26.85 1.12
C PHE A 377 11.58 -27.13 0.45
N LEU A 378 10.72 -27.91 1.12
CA LEU A 378 9.38 -28.20 0.65
C LEU A 378 8.52 -26.93 0.65
N ALA A 379 8.58 -26.15 1.77
CA ALA A 379 7.84 -24.91 1.94
C ALA A 379 8.30 -23.87 0.91
N PHE A 380 9.63 -23.78 0.61
CA PHE A 380 10.18 -22.89 -0.40
C PHE A 380 9.57 -23.17 -1.77
N GLY A 381 9.48 -24.46 -2.12
CA GLY A 381 8.90 -24.92 -3.38
C GLY A 381 7.44 -24.52 -3.54
N PHE A 382 6.66 -24.61 -2.44
CA PHE A 382 5.24 -24.23 -2.44
C PHE A 382 5.05 -22.71 -2.49
N VAL A 383 5.83 -21.94 -1.71
CA VAL A 383 5.77 -20.47 -1.70
C VAL A 383 6.15 -19.95 -3.13
N LEU A 384 7.15 -20.59 -3.78
CA LEU A 384 7.58 -20.25 -5.15
C LEU A 384 6.45 -20.47 -6.16
N ILE A 385 5.64 -21.55 -6.00
CA ILE A 385 4.49 -21.86 -6.87
C ILE A 385 3.42 -20.75 -6.66
N THR A 386 3.17 -20.41 -5.38
CA THR A 386 2.28 -19.36 -4.89
C THR A 386 2.70 -18.01 -5.58
N PHE A 387 4.01 -17.67 -5.55
CA PHE A 387 4.57 -16.45 -6.15
C PHE A 387 4.33 -16.40 -7.64
N SER A 388 4.65 -17.53 -8.34
CA SER A 388 4.47 -17.66 -9.79
C SER A 388 3.00 -17.41 -10.21
N CYS A 389 2.04 -17.82 -9.38
CA CYS A 389 0.61 -17.67 -9.63
C CYS A 389 0.16 -16.22 -9.39
N HIS A 390 0.71 -15.55 -8.34
CA HIS A 390 0.39 -14.14 -8.09
C HIS A 390 1.06 -13.27 -9.16
N PHE A 391 2.20 -13.76 -9.72
CA PHE A 391 2.96 -13.08 -10.77
C PHE A 391 2.19 -13.11 -12.07
N TYR A 392 1.57 -14.26 -12.42
CA TYR A 392 0.75 -14.40 -13.64
C TYR A 392 -0.39 -13.37 -13.59
N ASP A 393 -1.06 -13.28 -12.43
CA ASP A 393 -2.19 -12.38 -12.15
C ASP A 393 -1.79 -10.91 -12.27
N PHE A 394 -0.60 -10.54 -11.76
CA PHE A 394 -0.04 -9.19 -11.82
C PHE A 394 0.27 -8.79 -13.25
N PHE A 395 0.87 -9.74 -14.00
CA PHE A 395 1.28 -9.59 -15.37
C PHE A 395 0.09 -9.44 -16.31
N ASN A 396 -1.09 -9.96 -15.92
CA ASN A 396 -2.23 -9.97 -16.82
C ASN A 396 -3.48 -9.15 -16.37
N GLN A 397 -3.59 -8.73 -15.09
CA GLN A 397 -4.84 -8.07 -14.65
C GLN A 397 -5.10 -6.70 -15.26
N ALA A 398 -4.07 -5.90 -15.64
CA ALA A 398 -4.36 -4.62 -16.29
C ALA A 398 -5.24 -4.86 -17.54
N GLU A 399 -4.97 -5.96 -18.28
CA GLU A 399 -5.76 -6.37 -19.45
C GLU A 399 -7.15 -6.84 -19.02
N TRP A 400 -7.23 -7.76 -18.03
CA TRP A 400 -8.48 -8.27 -17.49
C TRP A 400 -9.40 -7.13 -17.01
N GLU A 401 -8.83 -6.12 -16.31
CA GLU A 401 -9.57 -4.95 -15.83
C GLU A 401 -10.17 -4.15 -17.01
N ARG A 402 -9.38 -3.95 -18.10
CA ARG A 402 -9.81 -3.28 -19.33
C ARG A 402 -10.90 -4.08 -20.02
N SER A 403 -10.79 -5.43 -20.09
CA SER A 403 -11.79 -6.32 -20.69
C SER A 403 -13.10 -6.31 -19.89
N PHE A 404 -12.99 -6.27 -18.56
CA PHE A 404 -14.14 -6.19 -17.64
C PHE A 404 -14.89 -4.88 -17.88
N ARG A 405 -14.20 -3.73 -17.85
CA ARG A 405 -14.77 -2.41 -18.07
C ARG A 405 -15.46 -2.30 -19.44
N ASP A 406 -14.74 -2.68 -20.53
CA ASP A 406 -15.24 -2.64 -21.91
C ASP A 406 -16.49 -3.48 -22.08
N TYR A 407 -16.53 -4.69 -21.47
CA TYR A 407 -17.69 -5.58 -21.52
C TYR A 407 -18.88 -4.94 -20.81
N VAL A 408 -18.69 -4.48 -19.56
CA VAL A 408 -19.73 -3.86 -18.71
C VAL A 408 -20.37 -2.63 -19.42
N LEU A 409 -19.54 -1.69 -19.91
CA LEU A 409 -19.99 -0.47 -20.58
C LEU A 409 -20.69 -0.77 -21.92
N CYS A 410 -20.25 -1.84 -22.62
CA CYS A 410 -20.83 -2.25 -23.90
C CYS A 410 -22.30 -2.65 -23.72
N GLN A 411 -22.59 -3.42 -22.65
CA GLN A 411 -23.93 -3.87 -22.28
C GLN A 411 -24.83 -2.67 -21.89
N ALA A 412 -24.22 -1.55 -21.45
CA ALA A 412 -24.93 -0.32 -21.11
C ALA A 412 -25.25 0.48 -22.41
N ASN A 413 -24.22 0.70 -23.26
CA ASN A 413 -24.29 1.41 -24.55
C ASN A 413 -23.00 1.18 -25.33
N CYS A 427 -21.45 -7.10 -25.57
CA CYS A 427 -20.28 -7.57 -26.30
C CYS A 427 -19.88 -8.96 -25.83
N GLU A 428 -18.59 -9.28 -26.03
CA GLU A 428 -17.91 -10.49 -25.63
C GLU A 428 -16.77 -10.10 -24.68
N ILE A 429 -16.31 -11.06 -23.85
CA ILE A 429 -15.20 -10.85 -22.93
C ILE A 429 -13.92 -11.22 -23.71
N LYS A 430 -13.01 -10.24 -23.93
CA LYS A 430 -11.77 -10.42 -24.70
C LYS A 430 -10.83 -11.44 -24.03
N ASN A 431 -10.64 -11.29 -22.73
CA ASN A 431 -9.80 -12.13 -21.87
C ASN A 431 -10.35 -12.04 -20.48
N ARG A 432 -9.97 -12.97 -19.62
CA ARG A 432 -10.42 -13.01 -18.24
C ARG A 432 -9.39 -13.78 -17.38
N PRO A 433 -9.44 -13.69 -16.02
CA PRO A 433 -8.52 -14.48 -15.18
C PRO A 433 -8.60 -15.98 -15.39
N SER A 434 -7.50 -16.68 -15.10
CA SER A 434 -7.43 -18.14 -15.19
C SER A 434 -7.74 -18.76 -13.83
N LEU A 435 -8.78 -19.60 -13.76
CA LEU A 435 -9.18 -20.27 -12.51
C LEU A 435 -8.25 -21.44 -12.19
N LEU A 436 -7.54 -21.97 -13.23
CA LEU A 436 -6.56 -23.03 -13.10
C LEU A 436 -5.35 -22.51 -12.35
N VAL A 437 -4.87 -21.31 -12.74
CA VAL A 437 -3.75 -20.63 -12.08
C VAL A 437 -4.11 -20.45 -10.60
N GLU A 438 -5.40 -20.11 -10.31
CA GLU A 438 -5.93 -19.92 -8.96
C GLU A 438 -5.96 -21.22 -8.17
N LYS A 439 -6.33 -22.35 -8.83
CA LYS A 439 -6.38 -23.67 -8.19
C LYS A 439 -4.98 -24.15 -7.82
N ILE A 440 -3.98 -23.88 -8.70
CA ILE A 440 -2.56 -24.18 -8.48
C ILE A 440 -2.04 -23.32 -7.32
N ASN A 441 -2.51 -22.08 -7.21
CA ASN A 441 -2.15 -21.19 -6.10
C ASN A 441 -2.68 -21.77 -4.80
N LEU A 442 -3.99 -22.12 -4.79
CA LEU A 442 -4.66 -22.69 -3.63
C LEU A 442 -4.08 -24.08 -3.27
N PHE A 443 -3.64 -24.85 -4.27
CA PHE A 443 -3.01 -26.15 -4.06
C PHE A 443 -1.71 -25.97 -3.26
N ALA A 444 -0.84 -25.05 -3.69
CA ALA A 444 0.45 -24.79 -3.04
C ALA A 444 0.30 -24.02 -1.74
N MET A 445 -0.76 -23.19 -1.62
CA MET A 445 -1.00 -22.39 -0.42
C MET A 445 -1.53 -23.32 0.68
N PHE A 446 -2.64 -24.04 0.43
CA PHE A 446 -3.21 -24.99 1.40
C PHE A 446 -2.25 -26.18 1.60
N GLY A 447 -1.55 -26.57 0.51
CA GLY A 447 -0.57 -27.65 0.49
C GLY A 447 0.58 -27.44 1.44
N THR A 448 0.98 -26.15 1.65
CA THR A 448 2.02 -25.80 2.62
C THR A 448 1.49 -26.13 4.00
N GLY A 449 0.24 -25.71 4.25
CA GLY A 449 -0.45 -25.99 5.50
C GLY A 449 -0.52 -27.47 5.80
N ILE A 450 -0.88 -28.28 4.77
CA ILE A 450 -1.00 -29.74 4.89
C ILE A 450 0.41 -30.36 5.04
N ALA A 451 1.40 -29.93 4.23
CA ALA A 451 2.78 -30.43 4.30
C ALA A 451 3.42 -30.10 5.66
N MET A 452 3.39 -28.81 6.09
CA MET A 452 3.98 -28.39 7.37
C MET A 452 3.29 -29.05 8.58
N SER A 453 2.03 -29.51 8.43
CA SER A 453 1.27 -30.20 9.49
C SER A 453 1.77 -31.64 9.72
N THR A 454 2.53 -32.20 8.76
CA THR A 454 3.06 -33.57 8.86
C THR A 454 4.29 -33.62 9.77
N TRP A 455 4.74 -32.44 10.30
CA TRP A 455 5.86 -32.31 11.23
C TRP A 455 5.60 -33.14 12.50
N VAL A 456 4.33 -33.26 12.85
CA VAL A 456 3.85 -33.96 14.02
C VAL A 456 3.52 -35.44 13.66
N TRP A 457 3.63 -35.86 12.37
CA TRP A 457 3.31 -37.25 12.02
C TRP A 457 4.53 -38.17 12.27
N THR A 458 4.78 -38.49 13.57
CA THR A 458 5.87 -39.34 14.06
C THR A 458 5.34 -40.31 15.11
N LYS A 459 6.20 -41.25 15.59
CA LYS A 459 5.84 -42.21 16.63
C LYS A 459 5.63 -41.50 17.98
N ALA A 460 6.45 -40.45 18.26
CA ALA A 460 6.39 -39.64 19.47
C ALA A 460 4.99 -38.99 19.68
N THR A 461 4.27 -38.68 18.58
CA THR A 461 2.92 -38.10 18.61
C THR A 461 1.90 -39.13 19.13
N LEU A 462 2.04 -40.41 18.70
CA LEU A 462 1.21 -41.52 19.19
C LEU A 462 1.38 -41.66 20.70
N LEU A 463 2.63 -41.48 21.20
CA LEU A 463 2.99 -41.52 22.61
C LEU A 463 2.39 -40.33 23.37
N ILE A 464 2.36 -39.13 22.74
CA ILE A 464 1.79 -37.91 23.31
C ILE A 464 0.28 -38.10 23.50
N TRP A 465 -0.42 -38.63 22.47
CA TRP A 465 -1.87 -38.82 22.54
C TRP A 465 -2.28 -39.98 23.43
N ARG A 466 -1.45 -41.06 23.54
CA ARG A 466 -1.74 -42.19 24.43
C ARG A 466 -1.71 -41.72 25.88
N ARG A 467 -0.66 -40.93 26.25
CA ARG A 467 -0.48 -40.35 27.58
C ARG A 467 -1.51 -39.23 27.85
N THR A 468 -2.11 -38.64 26.78
CA THR A 468 -3.14 -37.61 26.88
C THR A 468 -4.52 -38.29 27.01
N TRP A 469 -4.64 -39.54 26.51
CA TRP A 469 -5.84 -40.38 26.57
C TRP A 469 -6.02 -40.96 28.01
N CYS A 470 -5.34 -40.32 29.00
CA CYS A 470 -5.31 -40.62 30.44
C CYS A 470 -4.80 -42.03 30.69
N THR B 3 11.83 43.78 -29.86
CA THR B 3 11.47 44.68 -30.98
C THR B 3 10.07 44.32 -31.49
N ALA B 4 9.80 43.02 -31.75
CA ALA B 4 8.49 42.54 -32.20
C ALA B 4 7.71 41.98 -31.02
N ASP B 5 6.37 41.91 -31.15
CA ASP B 5 5.49 41.40 -30.10
C ASP B 5 5.61 39.87 -29.97
N LEU B 6 5.51 39.36 -28.73
CA LEU B 6 5.63 37.93 -28.39
C LEU B 6 4.70 37.05 -29.24
N GLU B 7 3.45 37.49 -29.45
CA GLU B 7 2.42 36.80 -30.24
C GLU B 7 2.89 36.62 -31.69
N ASP B 8 3.54 37.66 -32.26
CA ASP B 8 4.08 37.62 -33.61
C ASP B 8 5.29 36.69 -33.65
N ASN B 9 6.17 36.78 -32.66
CA ASN B 9 7.35 35.91 -32.54
C ASN B 9 6.93 34.45 -32.49
N TRP B 10 5.84 34.14 -31.75
CA TRP B 10 5.25 32.79 -31.61
C TRP B 10 4.72 32.30 -32.95
N GLU B 11 4.05 33.19 -33.72
CA GLU B 11 3.52 32.86 -35.04
C GLU B 11 4.66 32.66 -36.04
N THR B 12 5.78 33.43 -35.93
CA THR B 12 6.98 33.27 -36.76
C THR B 12 7.55 31.86 -36.53
N LEU B 13 7.56 31.38 -35.26
CA LEU B 13 8.02 30.04 -34.92
C LEU B 13 7.12 29.00 -35.59
N ASN B 14 5.78 29.16 -35.50
CA ASN B 14 4.79 28.29 -36.14
C ASN B 14 4.99 28.25 -37.68
N ASP B 15 5.06 29.43 -38.32
CA ASP B 15 5.23 29.62 -39.76
C ASP B 15 6.50 28.95 -40.32
N ASN B 16 7.66 29.21 -39.67
CA ASN B 16 8.93 28.66 -40.12
C ASN B 16 9.02 27.15 -39.90
N LEU B 17 8.35 26.61 -38.86
CA LEU B 17 8.27 25.17 -38.58
C LEU B 17 7.56 24.43 -39.73
N LYS B 18 6.51 25.06 -40.31
CA LYS B 18 5.75 24.55 -41.45
C LYS B 18 6.65 24.46 -42.70
N VAL B 19 7.50 25.50 -42.90
CA VAL B 19 8.43 25.60 -44.03
C VAL B 19 9.47 24.46 -43.93
N ILE B 20 10.03 24.21 -42.72
CA ILE B 20 11.04 23.14 -42.50
C ILE B 20 10.47 21.76 -42.89
N GLU B 21 9.28 21.40 -42.37
CA GLU B 21 8.68 20.09 -42.63
C GLU B 21 8.27 19.87 -44.10
N LYS B 22 7.91 20.92 -44.85
CA LYS B 22 7.55 20.72 -46.27
C LYS B 22 8.67 21.19 -47.23
N ALA B 23 9.91 21.40 -46.71
CA ALA B 23 11.07 21.80 -47.49
C ALA B 23 11.77 20.60 -48.13
N ASP B 24 12.25 20.75 -49.37
CA ASP B 24 12.96 19.68 -50.06
C ASP B 24 14.48 19.88 -49.98
N ASN B 25 14.94 21.13 -49.79
CA ASN B 25 16.37 21.46 -49.72
C ASN B 25 16.76 22.09 -48.37
N ALA B 26 18.05 21.96 -48.01
CA ALA B 26 18.65 22.44 -46.77
C ALA B 26 18.78 23.97 -46.70
N ALA B 27 18.68 24.70 -47.83
CA ALA B 27 18.76 26.16 -47.85
C ALA B 27 17.47 26.78 -47.29
N GLN B 28 16.31 26.15 -47.60
CA GLN B 28 14.96 26.53 -47.16
C GLN B 28 14.83 26.25 -45.66
N VAL B 29 15.41 25.11 -45.21
CA VAL B 29 15.48 24.67 -43.82
C VAL B 29 16.37 25.66 -43.05
N LYS B 30 17.60 25.92 -43.55
CA LYS B 30 18.58 26.85 -42.98
C LYS B 30 17.97 28.25 -42.74
N ASP B 31 17.24 28.78 -43.73
CA ASP B 31 16.60 30.09 -43.66
C ASP B 31 15.46 30.11 -42.66
N ALA B 32 14.61 29.06 -42.65
CA ALA B 32 13.49 28.95 -41.74
C ALA B 32 13.99 28.87 -40.29
N LEU B 33 15.03 28.03 -40.03
CA LEU B 33 15.69 27.90 -38.72
C LEU B 33 16.34 29.22 -38.28
N THR B 34 16.97 29.98 -39.22
CA THR B 34 17.62 31.27 -38.91
C THR B 34 16.57 32.27 -38.42
N LYS B 35 15.40 32.33 -39.10
CA LYS B 35 14.27 33.20 -38.74
C LYS B 35 13.66 32.74 -37.39
N MET B 36 13.65 31.43 -37.13
CA MET B 36 13.18 30.88 -35.84
C MET B 36 14.11 31.29 -34.70
N ARG B 37 15.44 31.26 -34.92
CA ARG B 37 16.44 31.62 -33.92
C ARG B 37 16.28 33.08 -33.50
N ALA B 38 15.99 33.97 -34.48
CA ALA B 38 15.77 35.40 -34.31
C ALA B 38 14.50 35.68 -33.51
N ALA B 39 13.40 34.97 -33.87
CA ALA B 39 12.09 35.09 -33.23
C ALA B 39 12.08 34.48 -31.83
N ALA B 40 12.87 33.41 -31.60
CA ALA B 40 13.00 32.79 -30.27
C ALA B 40 13.71 33.76 -29.31
N LEU B 41 14.86 34.31 -29.74
CA LEU B 41 15.64 35.27 -28.96
C LEU B 41 14.85 36.54 -28.61
N ASP B 42 14.08 37.07 -29.58
CA ASP B 42 13.25 38.27 -29.39
C ASP B 42 12.07 37.94 -28.48
N ALA B 43 11.55 36.69 -28.55
CA ALA B 43 10.44 36.24 -27.71
C ALA B 43 10.91 36.11 -26.27
N GLN B 44 12.19 35.68 -26.08
CA GLN B 44 12.87 35.55 -24.79
C GLN B 44 12.97 36.90 -24.05
N LYS B 45 13.09 37.99 -24.83
CA LYS B 45 13.20 39.37 -24.31
C LYS B 45 11.84 39.89 -23.83
N ALA B 46 10.74 39.33 -24.40
CA ALA B 46 9.37 39.73 -24.09
C ALA B 46 8.93 39.21 -22.73
N THR B 47 7.94 39.87 -22.14
CA THR B 47 7.37 39.48 -20.87
C THR B 47 5.97 38.90 -21.16
N PRO B 48 5.70 37.62 -20.83
CA PRO B 48 4.36 37.05 -21.08
C PRO B 48 3.24 37.89 -20.43
N PRO B 49 2.07 38.02 -21.09
CA PRO B 49 0.98 38.87 -20.53
C PRO B 49 0.57 38.53 -19.10
N LYS B 50 0.66 37.24 -18.72
CA LYS B 50 0.32 36.74 -17.40
C LYS B 50 1.32 37.17 -16.32
N LEU B 51 2.58 37.42 -16.71
CA LEU B 51 3.68 37.75 -15.79
C LEU B 51 4.07 39.23 -15.75
N GLU B 52 3.12 40.17 -16.06
CA GLU B 52 3.43 41.61 -16.06
C GLU B 52 3.66 42.15 -14.61
N ASP B 53 3.00 41.54 -13.61
CA ASP B 53 3.12 41.92 -12.20
C ASP B 53 4.33 41.24 -11.52
N LYS B 54 4.97 40.29 -12.22
CA LYS B 54 6.10 39.50 -11.72
C LYS B 54 7.47 40.13 -12.00
N SER B 55 8.42 39.89 -11.07
CA SER B 55 9.82 40.33 -11.11
C SER B 55 10.55 39.69 -12.30
N PRO B 56 11.53 40.36 -12.95
CA PRO B 56 12.23 39.69 -14.07
C PRO B 56 13.15 38.55 -13.59
N ASP B 57 13.50 38.57 -12.29
CA ASP B 57 14.35 37.56 -11.66
C ASP B 57 13.49 36.50 -10.90
N SER B 58 12.14 36.59 -11.03
CA SER B 58 11.19 35.63 -10.44
C SER B 58 11.35 34.25 -11.11
N PRO B 59 11.04 33.13 -10.40
CA PRO B 59 11.20 31.79 -11.00
C PRO B 59 10.42 31.56 -12.31
N GLU B 60 9.24 32.20 -12.46
CA GLU B 60 8.36 32.08 -13.63
C GLU B 60 9.03 32.69 -14.86
N MET B 61 9.67 33.86 -14.67
CA MET B 61 10.37 34.59 -15.72
C MET B 61 11.66 33.86 -16.09
N LYS B 62 12.38 33.32 -15.08
CA LYS B 62 13.60 32.56 -15.31
C LYS B 62 13.29 31.25 -16.06
N ASP B 63 12.16 30.57 -15.71
CA ASP B 63 11.74 29.34 -16.39
C ASP B 63 11.33 29.67 -17.83
N PHE B 64 10.60 30.78 -18.03
CA PHE B 64 10.18 31.27 -19.34
C PHE B 64 11.38 31.44 -20.27
N ARG B 65 12.41 32.18 -19.80
CA ARG B 65 13.65 32.43 -20.52
C ARG B 65 14.45 31.15 -20.75
N HIS B 66 14.43 30.22 -19.78
CA HIS B 66 15.14 28.95 -19.88
C HIS B 66 14.61 28.07 -21.03
N GLY B 67 13.29 28.02 -21.18
CA GLY B 67 12.62 27.27 -22.26
C GLY B 67 13.09 27.69 -23.64
N PHE B 68 13.43 28.98 -23.80
CA PHE B 68 13.95 29.51 -25.06
C PHE B 68 15.44 29.19 -25.21
N ASP B 69 16.19 29.06 -24.08
CA ASP B 69 17.62 28.67 -24.10
C ASP B 69 17.75 27.26 -24.67
N ILE B 70 16.88 26.33 -24.20
CA ILE B 70 16.78 24.94 -24.69
C ILE B 70 16.45 24.98 -26.19
N LEU B 71 15.44 25.80 -26.57
CA LEU B 71 14.94 25.96 -27.94
C LEU B 71 16.04 26.48 -28.89
N VAL B 72 16.81 27.50 -28.47
CA VAL B 72 17.89 28.11 -29.26
C VAL B 72 19.00 27.07 -29.50
N GLY B 73 19.33 26.27 -28.47
CA GLY B 73 20.31 25.19 -28.55
C GLY B 73 19.90 24.15 -29.55
N GLN B 74 18.62 23.76 -29.52
CA GLN B 74 18.02 22.80 -30.44
C GLN B 74 17.93 23.36 -31.86
N ILE B 75 17.69 24.69 -32.01
CA ILE B 75 17.67 25.35 -33.33
C ILE B 75 19.11 25.29 -33.91
N ASP B 76 20.12 25.54 -33.04
CA ASP B 76 21.53 25.50 -33.39
C ASP B 76 21.96 24.08 -33.78
N ASP B 77 21.44 23.06 -33.06
CA ASP B 77 21.72 21.66 -33.38
C ASP B 77 21.15 21.33 -34.77
N ALA B 78 19.93 21.83 -35.06
CA ALA B 78 19.28 21.63 -36.36
C ALA B 78 20.02 22.41 -37.47
N LEU B 79 20.62 23.57 -37.14
CA LEU B 79 21.37 24.37 -38.09
C LEU B 79 22.66 23.68 -38.52
N LYS B 80 23.37 22.97 -37.59
CA LYS B 80 24.61 22.28 -37.98
C LYS B 80 24.29 21.08 -38.90
N LEU B 81 23.10 20.48 -38.72
CA LEU B 81 22.61 19.39 -39.56
C LEU B 81 22.22 19.92 -40.97
N ALA B 82 21.47 21.04 -41.03
CA ALA B 82 21.05 21.68 -42.30
C ALA B 82 22.27 22.11 -43.11
N ASN B 83 23.30 22.70 -42.44
CA ASN B 83 24.55 23.14 -43.06
C ASN B 83 25.41 21.96 -43.54
N GLU B 84 25.09 20.74 -43.05
CA GLU B 84 25.74 19.50 -43.46
C GLU B 84 24.99 18.88 -44.65
N GLY B 85 23.88 19.51 -45.03
CA GLY B 85 23.03 19.07 -46.13
C GLY B 85 22.12 17.93 -45.74
N LYS B 86 21.93 17.72 -44.43
CA LYS B 86 21.11 16.65 -43.87
C LYS B 86 19.72 17.21 -43.58
N VAL B 87 18.91 17.33 -44.65
CA VAL B 87 17.53 17.87 -44.61
C VAL B 87 16.64 16.98 -43.73
N LYS B 88 16.62 15.65 -43.99
CA LYS B 88 15.79 14.68 -43.24
C LYS B 88 16.09 14.75 -41.73
N GLU B 89 17.39 14.76 -41.32
CA GLU B 89 17.81 14.86 -39.92
C GLU B 89 17.48 16.25 -39.34
N ALA B 90 17.64 17.34 -40.15
CA ALA B 90 17.31 18.70 -39.71
C ALA B 90 15.82 18.86 -39.46
N GLN B 91 14.98 18.20 -40.29
CA GLN B 91 13.53 18.20 -40.15
C GLN B 91 13.16 17.45 -38.88
N ALA B 92 13.85 16.33 -38.60
CA ALA B 92 13.66 15.50 -37.40
C ALA B 92 14.00 16.32 -36.14
N ALA B 93 15.13 17.03 -36.14
CA ALA B 93 15.56 17.90 -35.04
C ALA B 93 14.57 19.06 -34.82
N ALA B 94 14.02 19.62 -35.93
CA ALA B 94 13.03 20.69 -35.91
C ALA B 94 11.70 20.23 -35.31
N GLU B 95 11.33 18.94 -35.51
CA GLU B 95 10.11 18.34 -34.97
C GLU B 95 10.20 18.25 -33.41
N GLN B 96 11.44 18.16 -32.87
CA GLN B 96 11.72 18.15 -31.44
C GLN B 96 11.54 19.57 -30.83
N LEU B 97 11.53 20.63 -31.67
CA LEU B 97 11.29 22.01 -31.22
C LEU B 97 9.84 22.17 -30.75
N LYS B 98 8.91 21.39 -31.35
CA LYS B 98 7.50 21.38 -30.99
C LYS B 98 7.35 20.86 -29.57
N THR B 99 8.08 19.78 -29.25
CA THR B 99 8.09 19.13 -27.93
C THR B 99 8.52 20.12 -26.84
N THR B 100 9.64 20.83 -27.07
CA THR B 100 10.19 21.81 -26.13
C THR B 100 9.23 22.98 -25.95
N ARG B 101 8.71 23.51 -27.07
CA ARG B 101 7.79 24.65 -27.10
C ARG B 101 6.53 24.33 -26.28
N ASN B 102 6.02 23.10 -26.43
CA ASN B 102 4.80 22.64 -25.77
C ASN B 102 4.99 22.21 -24.33
N ALA B 103 6.13 21.61 -23.98
CA ALA B 103 6.38 21.17 -22.61
C ALA B 103 6.93 22.29 -21.74
N TYR B 104 7.70 23.24 -22.31
CA TYR B 104 8.30 24.27 -21.48
C TYR B 104 7.78 25.70 -21.65
N ILE B 105 7.45 26.16 -22.87
CA ILE B 105 7.13 27.58 -23.08
C ILE B 105 5.62 27.89 -23.17
N GLN B 106 4.87 27.05 -23.90
CA GLN B 106 3.43 27.15 -24.16
C GLN B 106 2.59 27.64 -22.97
N LYS B 107 2.92 27.17 -21.74
CA LYS B 107 2.20 27.52 -20.52
C LYS B 107 2.22 29.03 -20.22
N TYR B 108 3.18 29.78 -20.80
CA TYR B 108 3.29 31.23 -20.64
C TYR B 108 2.58 31.98 -21.77
N LEU B 109 2.08 31.25 -22.79
CA LEU B 109 1.35 31.79 -23.96
C LEU B 109 0.08 30.98 -24.20
N SER B 110 -0.88 31.01 -23.25
CA SER B 110 -2.03 30.13 -23.43
C SER B 110 -3.41 30.83 -23.50
N GLY B 111 -3.93 31.32 -22.38
CA GLY B 111 -5.29 31.82 -22.38
C GLY B 111 -6.29 30.70 -22.17
N GLN B 112 -5.94 29.45 -22.63
CA GLN B 112 -6.71 28.22 -22.43
C GLN B 112 -6.76 27.84 -20.96
N CYS B 113 -5.63 27.95 -20.25
CA CYS B 113 -5.56 27.59 -18.83
C CYS B 113 -5.37 28.82 -17.98
N GLU B 114 -5.97 28.80 -16.80
CA GLU B 114 -5.87 29.86 -15.82
C GLU B 114 -5.27 29.31 -14.56
N VAL B 115 -4.33 30.08 -13.96
CA VAL B 115 -3.65 29.80 -12.70
C VAL B 115 -4.72 29.33 -11.68
N PRO B 116 -4.51 28.24 -10.91
CA PRO B 116 -3.28 27.41 -10.81
C PRO B 116 -3.12 26.32 -11.88
N LEU B 117 -3.89 26.37 -12.99
CA LEU B 117 -3.73 25.36 -14.05
C LEU B 117 -2.67 25.84 -15.01
N VAL B 118 -2.07 24.94 -15.77
CA VAL B 118 -0.94 25.27 -16.63
C VAL B 118 -1.05 24.45 -17.92
N ARG B 119 -0.86 25.11 -19.05
CA ARG B 119 -0.97 24.53 -20.39
C ARG B 119 0.13 23.48 -20.63
N THR B 120 -0.30 22.29 -21.02
CA THR B 120 0.56 21.14 -21.32
C THR B 120 -0.19 20.21 -22.30
N ASP B 121 0.51 19.65 -23.27
CA ASP B 121 -0.10 18.73 -24.23
C ASP B 121 -0.14 17.31 -23.68
N ASN B 122 0.59 17.04 -22.59
CA ASN B 122 0.72 15.74 -21.95
C ASN B 122 -0.59 15.33 -21.22
N PRO B 123 -1.33 14.32 -21.77
CA PRO B 123 -2.59 13.88 -21.14
C PRO B 123 -2.42 13.29 -19.76
N LYS B 124 -1.26 12.68 -19.46
CA LYS B 124 -0.95 12.12 -18.14
C LYS B 124 -0.77 13.26 -17.10
N SER B 125 -0.59 14.52 -17.56
CA SER B 125 -0.44 15.68 -16.71
C SER B 125 -1.74 16.41 -16.49
N TRP B 126 -2.79 16.14 -17.29
CA TRP B 126 -4.03 16.91 -17.20
C TRP B 126 -4.75 16.71 -15.88
N TYR B 127 -5.33 17.82 -15.38
CA TYR B 127 -6.04 17.86 -14.12
C TYR B 127 -7.47 17.43 -14.33
N GLU B 128 -7.81 16.23 -13.78
CA GLU B 128 -9.11 15.59 -13.82
C GLU B 128 -9.63 15.52 -15.28
N ASP B 129 -10.77 16.17 -15.59
CA ASP B 129 -11.34 16.15 -16.94
C ASP B 129 -10.97 17.38 -17.77
N VAL B 130 -10.16 18.32 -17.21
CA VAL B 130 -9.73 19.55 -17.90
C VAL B 130 -8.65 19.18 -18.92
N GLU B 131 -9.01 19.21 -20.22
CA GLU B 131 -8.08 18.86 -21.29
C GLU B 131 -7.16 20.03 -21.62
N GLY B 132 -5.87 19.74 -21.74
CA GLY B 132 -4.84 20.71 -22.08
C GLY B 132 -4.23 21.43 -20.90
N CYS B 133 -4.78 21.22 -19.66
CA CYS B 133 -4.34 21.89 -18.45
C CYS B 133 -4.03 20.93 -17.32
N GLY B 134 -2.88 21.14 -16.69
CA GLY B 134 -2.42 20.42 -15.51
C GLY B 134 -2.19 21.36 -14.35
N ILE B 135 -2.11 20.83 -13.14
CA ILE B 135 -1.86 21.62 -11.93
C ILE B 135 -0.40 22.09 -11.93
N GLN B 136 -0.17 23.40 -11.73
CA GLN B 136 1.20 23.98 -11.68
C GLN B 136 2.02 23.30 -10.56
N CYS B 137 3.33 23.19 -10.78
CA CYS B 137 4.24 22.57 -9.81
C CYS B 137 4.20 23.25 -8.43
N GLN B 138 4.18 24.59 -8.39
CA GLN B 138 4.14 25.35 -7.14
C GLN B 138 2.80 25.17 -6.47
N ASN B 139 2.82 24.63 -5.23
CA ASN B 139 1.62 24.38 -4.42
C ASN B 139 0.82 25.68 -4.40
N PRO B 140 -0.40 25.68 -5.01
CA PRO B 140 -1.16 26.94 -5.12
C PRO B 140 -1.77 27.49 -3.81
N LEU B 141 -1.79 26.69 -2.73
CA LEU B 141 -2.37 27.10 -1.45
C LEU B 141 -1.39 27.90 -0.58
N PHE B 142 -0.12 27.97 -0.97
CA PHE B 142 0.92 28.64 -0.20
C PHE B 142 1.67 29.63 -1.08
N THR B 143 1.88 30.83 -0.54
CA THR B 143 2.55 31.94 -1.21
C THR B 143 4.05 31.68 -1.34
N GLU B 144 4.71 32.39 -2.26
CA GLU B 144 6.15 32.33 -2.49
C GLU B 144 6.87 32.59 -1.17
N ALA B 145 6.38 33.60 -0.39
CA ALA B 145 6.91 33.98 0.91
C ALA B 145 6.81 32.81 1.91
N GLU B 146 5.71 32.04 1.90
CA GLU B 146 5.53 30.87 2.79
C GLU B 146 6.42 29.70 2.33
N HIS B 147 6.67 29.55 1.00
CA HIS B 147 7.59 28.56 0.42
C HIS B 147 9.02 28.83 0.91
N GLN B 148 9.51 30.05 0.68
CA GLN B 148 10.86 30.52 1.05
C GLN B 148 11.12 30.43 2.56
N ASP B 149 10.13 30.80 3.41
CA ASP B 149 10.26 30.69 4.87
C ASP B 149 10.47 29.19 5.25
N MET B 150 9.65 28.30 4.66
CA MET B 150 9.72 26.85 4.87
C MET B 150 11.08 26.28 4.41
N HIS B 151 11.59 26.73 3.23
CA HIS B 151 12.86 26.27 2.67
C HIS B 151 14.04 26.66 3.57
N SER B 152 14.03 27.90 4.13
CA SER B 152 15.07 28.35 5.06
C SER B 152 15.03 27.51 6.35
N TYR B 153 13.80 27.13 6.78
CA TYR B 153 13.55 26.32 7.97
C TYR B 153 14.11 24.90 7.78
N ILE B 154 13.87 24.26 6.61
CA ILE B 154 14.38 22.92 6.28
C ILE B 154 15.91 23.00 6.09
N ALA B 155 16.42 24.02 5.37
CA ALA B 155 17.87 24.19 5.17
C ALA B 155 18.58 24.18 6.51
N ALA B 156 18.17 25.06 7.46
CA ALA B 156 18.72 25.20 8.81
C ALA B 156 18.69 23.89 9.60
N PHE B 157 17.48 23.34 9.88
CA PHE B 157 17.29 22.10 10.62
C PHE B 157 17.94 20.89 9.95
N GLY B 158 17.95 20.87 8.63
CA GLY B 158 18.51 19.79 7.82
C GLY B 158 20.02 19.75 7.85
N ALA B 159 20.65 20.94 7.77
CA ALA B 159 22.10 21.12 7.82
C ALA B 159 22.65 20.69 9.18
N VAL B 160 21.99 21.16 10.28
CA VAL B 160 22.35 20.88 11.68
C VAL B 160 22.26 19.38 11.94
N THR B 161 21.13 18.75 11.57
CA THR B 161 20.92 17.30 11.76
C THR B 161 21.96 16.51 10.97
N GLY B 162 22.18 16.89 9.71
CA GLY B 162 23.15 16.25 8.83
C GLY B 162 24.57 16.24 9.39
N LEU B 163 25.07 17.41 9.84
CA LEU B 163 26.41 17.58 10.41
C LEU B 163 26.54 16.87 11.76
N CYS B 164 25.51 16.95 12.64
CA CYS B 164 25.51 16.27 13.95
C CYS B 164 25.62 14.76 13.75
N THR B 165 24.72 14.19 12.93
CA THR B 165 24.67 12.76 12.68
C THR B 165 25.95 12.29 11.95
N LEU B 166 26.49 13.10 11.02
CA LEU B 166 27.73 12.77 10.30
C LEU B 166 28.91 12.62 11.30
N PHE B 167 29.00 13.53 12.30
CA PHE B 167 30.03 13.49 13.33
C PHE B 167 29.94 12.18 14.10
N THR B 168 28.73 11.81 14.54
CA THR B 168 28.42 10.59 15.31
C THR B 168 28.78 9.33 14.50
N LEU B 169 28.47 9.34 13.19
CA LEU B 169 28.81 8.22 12.30
C LEU B 169 30.34 8.10 12.18
N ALA B 170 31.03 9.23 11.89
CA ALA B 170 32.49 9.30 11.77
C ALA B 170 33.19 8.84 13.06
N THR B 171 32.64 9.22 14.24
CA THR B 171 33.14 8.82 15.54
C THR B 171 33.00 7.31 15.73
N PHE B 172 31.87 6.73 15.27
CA PHE B 172 31.61 5.30 15.38
C PHE B 172 32.54 4.47 14.47
N VAL B 173 32.72 4.89 13.19
CA VAL B 173 33.57 4.16 12.24
C VAL B 173 35.07 4.27 12.64
N ALA B 174 35.48 5.38 13.28
CA ALA B 174 36.85 5.59 13.73
C ALA B 174 37.21 4.59 14.83
N ASP B 175 36.20 4.22 15.64
CA ASP B 175 36.32 3.26 16.75
C ASP B 175 35.46 2.00 16.47
N TRP B 176 35.20 1.68 15.17
CA TRP B 176 34.35 0.54 14.76
C TRP B 176 34.72 -0.81 15.38
N ARG B 177 35.99 -1.02 15.76
CA ARG B 177 36.43 -2.25 16.41
C ARG B 177 35.88 -2.35 17.83
N ASN B 178 35.82 -1.22 18.56
CA ASN B 178 35.38 -1.14 19.95
C ASN B 178 33.94 -0.58 20.13
N SER B 179 33.43 0.18 19.13
CA SER B 179 32.11 0.81 19.19
C SER B 179 31.00 -0.06 18.58
N ASN B 180 31.33 -0.92 17.58
CA ASN B 180 30.34 -1.83 16.97
C ASN B 180 30.08 -2.99 17.95
N ARG B 181 29.33 -2.70 19.01
CA ARG B 181 28.94 -3.63 20.05
C ARG B 181 27.58 -3.26 20.59
N TYR B 182 26.67 -4.25 20.70
CA TYR B 182 25.33 -4.02 21.21
C TYR B 182 25.38 -3.74 22.72
N PRO B 183 24.61 -2.75 23.25
CA PRO B 183 23.54 -1.98 22.61
C PRO B 183 23.94 -0.63 22.00
N ALA B 184 25.25 -0.27 22.07
CA ALA B 184 25.76 1.01 21.57
C ALA B 184 25.58 1.19 20.06
N VAL B 185 25.78 0.12 19.26
CA VAL B 185 25.68 0.17 17.80
C VAL B 185 24.22 0.42 17.32
N ILE B 186 23.22 0.37 18.21
CA ILE B 186 21.83 0.65 17.83
C ILE B 186 21.76 2.15 17.47
N LEU B 187 22.42 2.99 18.27
CA LEU B 187 22.53 4.43 18.10
C LEU B 187 23.30 4.80 16.85
N PHE B 188 24.22 3.91 16.39
CA PHE B 188 24.95 4.10 15.14
C PHE B 188 23.97 4.03 13.97
N TYR B 189 23.05 3.04 13.97
CA TYR B 189 22.08 2.86 12.89
C TYR B 189 20.97 3.90 12.97
N VAL B 190 20.58 4.32 14.19
CA VAL B 190 19.59 5.38 14.42
C VAL B 190 20.12 6.66 13.75
N ASN B 191 21.42 6.96 13.96
CA ASN B 191 22.11 8.12 13.38
C ASN B 191 22.23 8.00 11.87
N ALA B 192 22.57 6.80 11.33
CA ALA B 192 22.69 6.58 9.89
C ALA B 192 21.38 6.89 9.18
N CYS B 193 20.24 6.49 9.81
CA CYS B 193 18.88 6.69 9.34
C CYS B 193 18.56 8.17 9.21
N PHE B 194 18.85 8.98 10.27
CA PHE B 194 18.59 10.43 10.22
C PHE B 194 19.56 11.18 9.33
N PHE B 195 20.77 10.64 9.11
CA PHE B 195 21.76 11.26 8.25
C PHE B 195 21.30 11.14 6.78
N VAL B 196 20.94 9.93 6.35
CA VAL B 196 20.44 9.63 5.00
C VAL B 196 19.14 10.45 4.78
N GLY B 197 18.27 10.46 5.80
CA GLY B 197 17.02 11.22 5.81
C GLY B 197 17.24 12.70 5.56
N SER B 198 18.29 13.28 6.20
CA SER B 198 18.69 14.68 6.03
C SER B 198 19.15 14.95 4.60
N ILE B 199 19.95 14.04 3.99
CA ILE B 199 20.40 14.16 2.59
C ILE B 199 19.18 14.33 1.69
N GLY B 200 18.15 13.50 1.94
CA GLY B 200 16.86 13.53 1.23
C GLY B 200 16.18 14.88 1.33
N TRP B 201 16.09 15.43 2.56
CA TRP B 201 15.52 16.76 2.81
C TRP B 201 16.38 17.90 2.26
N LEU B 202 17.72 17.72 2.19
CA LEU B 202 18.65 18.78 1.75
C LEU B 202 18.92 18.79 0.23
N ALA B 203 18.60 17.70 -0.50
CA ALA B 203 18.86 17.59 -1.95
C ALA B 203 18.23 18.72 -2.77
N GLN B 204 17.08 19.29 -2.32
CA GLN B 204 16.37 20.40 -2.98
C GLN B 204 17.19 21.72 -3.02
N PHE B 205 18.20 21.88 -2.13
CA PHE B 205 19.00 23.10 -2.03
C PHE B 205 20.11 23.19 -3.08
N MET B 206 20.37 22.09 -3.81
CA MET B 206 21.31 22.07 -4.94
C MET B 206 20.70 22.91 -6.08
N ASP B 207 21.53 23.50 -6.96
CA ASP B 207 21.05 24.39 -8.04
C ASP B 207 20.04 23.68 -8.95
N GLY B 208 18.83 24.24 -9.01
CA GLY B 208 17.70 23.75 -9.79
C GLY B 208 17.18 22.37 -9.42
N ALA B 209 17.54 21.86 -8.23
CA ALA B 209 17.17 20.53 -7.77
C ALA B 209 15.72 20.41 -7.34
N ARG B 210 15.16 21.38 -6.57
CA ARG B 210 13.76 21.33 -6.12
C ARG B 210 12.80 21.11 -7.29
N ARG B 211 12.98 21.84 -8.41
CA ARG B 211 12.17 21.77 -9.63
C ARG B 211 12.32 20.41 -10.30
N GLU B 212 13.52 19.84 -10.27
CA GLU B 212 13.80 18.54 -10.83
C GLU B 212 13.11 17.42 -10.02
N ILE B 213 13.12 17.56 -8.69
CA ILE B 213 12.57 16.56 -7.77
C ILE B 213 11.04 16.57 -7.78
N VAL B 214 10.45 17.75 -7.63
CA VAL B 214 9.06 18.00 -7.33
C VAL B 214 8.19 18.34 -8.57
N CYS B 215 8.79 18.78 -9.70
CA CYS B 215 7.99 19.08 -10.89
C CYS B 215 8.19 18.04 -11.97
N ARG B 216 7.17 17.91 -12.82
N ARG B 216 7.15 17.89 -12.82
CA ARG B 216 7.23 17.09 -14.02
CA ARG B 216 7.20 17.06 -14.02
C ARG B 216 8.02 17.91 -15.05
C ARG B 216 7.98 17.90 -15.05
N ALA B 217 8.54 17.27 -16.11
CA ALA B 217 9.32 17.97 -17.13
C ALA B 217 8.51 19.13 -17.79
N ASP B 218 7.16 18.98 -17.85
CA ASP B 218 6.24 19.96 -18.43
C ASP B 218 5.73 21.02 -17.41
N GLY B 219 6.37 21.13 -16.24
CA GLY B 219 6.03 22.13 -15.24
C GLY B 219 4.84 21.84 -14.34
N THR B 220 4.20 20.67 -14.50
CA THR B 220 3.05 20.32 -13.64
C THR B 220 3.58 19.60 -12.38
N MET B 221 2.76 19.49 -11.30
CA MET B 221 3.31 18.85 -10.12
C MET B 221 3.39 17.34 -10.27
N ARG B 222 4.43 16.74 -9.67
CA ARG B 222 4.62 15.29 -9.71
C ARG B 222 3.58 14.65 -8.83
N LEU B 223 2.77 13.81 -9.45
CA LEU B 223 1.67 13.11 -8.78
C LEU B 223 1.58 11.69 -9.28
N GLY B 224 1.31 10.78 -8.37
CA GLY B 224 1.14 9.37 -8.67
C GLY B 224 2.33 8.70 -9.27
N GLU B 225 3.52 9.02 -8.73
CA GLU B 225 4.80 8.43 -9.13
C GLU B 225 5.00 7.07 -8.41
N PRO B 226 5.73 6.08 -8.98
CA PRO B 226 6.39 6.02 -10.31
C PRO B 226 5.44 6.18 -11.48
N THR B 227 5.88 6.96 -12.49
CA THR B 227 5.18 7.23 -13.75
C THR B 227 6.09 6.95 -14.95
N SER B 228 5.47 6.98 -16.12
CA SER B 228 6.09 6.81 -17.42
C SER B 228 6.71 8.13 -17.87
N ASN B 229 7.85 8.03 -18.55
CA ASN B 229 8.60 9.12 -19.19
C ASN B 229 8.92 10.33 -18.27
N GLU B 230 9.06 10.07 -16.98
CA GLU B 230 9.49 11.11 -16.05
C GLU B 230 10.83 10.67 -15.50
N THR B 231 11.57 11.62 -14.96
CA THR B 231 12.90 11.43 -14.41
C THR B 231 12.81 10.62 -13.06
N LEU B 232 13.91 10.01 -12.59
CA LEU B 232 13.86 9.19 -11.36
C LEU B 232 14.04 10.02 -10.08
N SER B 233 14.39 11.31 -10.22
CA SER B 233 14.66 12.20 -9.08
C SER B 233 13.58 12.18 -7.97
N CYS B 234 12.30 12.11 -8.33
CA CYS B 234 11.20 12.10 -7.37
C CYS B 234 11.20 10.81 -6.54
N VAL B 235 11.20 9.64 -7.20
CA VAL B 235 11.15 8.35 -6.53
C VAL B 235 12.43 8.13 -5.68
N ILE B 236 13.60 8.67 -6.13
CA ILE B 236 14.87 8.60 -5.41
C ILE B 236 14.74 9.36 -4.09
N ILE B 237 14.26 10.61 -4.11
CA ILE B 237 14.12 11.42 -2.90
C ILE B 237 13.12 10.76 -1.94
N PHE B 238 11.96 10.30 -2.46
CA PHE B 238 10.97 9.61 -1.66
C PHE B 238 11.62 8.39 -0.99
N VAL B 239 12.34 7.54 -1.76
CA VAL B 239 12.98 6.33 -1.21
C VAL B 239 13.96 6.72 -0.08
N ILE B 240 14.78 7.76 -0.28
CA ILE B 240 15.73 8.23 0.73
C ILE B 240 14.98 8.74 1.99
N VAL B 241 13.98 9.63 1.83
CA VAL B 241 13.25 10.22 2.95
C VAL B 241 12.41 9.14 3.69
N TYR B 242 11.47 8.49 3.00
CA TYR B 242 10.57 7.50 3.56
C TYR B 242 11.27 6.28 4.14
N TYR B 243 12.22 5.68 3.42
CA TYR B 243 12.90 4.49 3.93
C TYR B 243 13.67 4.85 5.20
N ALA B 244 14.41 5.99 5.22
CA ALA B 244 15.17 6.45 6.39
C ALA B 244 14.25 6.77 7.58
N LEU B 245 13.09 7.39 7.29
CA LEU B 245 12.10 7.69 8.32
C LEU B 245 11.59 6.40 8.99
N MET B 246 11.13 5.42 8.18
CA MET B 246 10.62 4.13 8.65
C MET B 246 11.71 3.26 9.29
N ALA B 247 12.94 3.28 8.74
CA ALA B 247 14.06 2.53 9.35
C ALA B 247 14.40 3.13 10.71
N GLY B 248 14.29 4.45 10.80
CA GLY B 248 14.52 5.19 12.03
C GLY B 248 13.58 4.86 13.17
N VAL B 249 12.28 4.70 12.89
CA VAL B 249 11.28 4.39 13.93
C VAL B 249 11.38 2.89 14.34
N VAL B 250 11.88 2.02 13.43
CA VAL B 250 12.09 0.60 13.72
C VAL B 250 13.35 0.45 14.63
N TRP B 251 14.45 1.17 14.33
CA TRP B 251 15.65 1.12 15.18
C TRP B 251 15.35 1.71 16.54
N PHE B 252 14.34 2.60 16.62
CA PHE B 252 13.86 3.16 17.88
C PHE B 252 13.23 2.02 18.75
N VAL B 253 12.45 1.09 18.14
CA VAL B 253 11.86 -0.05 18.88
C VAL B 253 12.99 -0.91 19.46
N VAL B 254 14.03 -1.18 18.65
CA VAL B 254 15.22 -1.95 19.02
C VAL B 254 15.86 -1.28 20.25
N LEU B 255 15.97 0.08 20.23
CA LEU B 255 16.50 0.88 21.33
C LEU B 255 15.71 0.63 22.62
N THR B 256 14.35 0.67 22.55
CA THR B 256 13.47 0.42 23.71
C THR B 256 13.59 -1.05 24.17
N TYR B 257 13.75 -1.99 23.21
CA TYR B 257 13.91 -3.41 23.50
C TYR B 257 15.24 -3.65 24.23
N ALA B 258 16.34 -3.02 23.75
CA ALA B 258 17.68 -3.12 24.32
C ALA B 258 17.68 -2.58 25.74
N TRP B 259 16.89 -1.52 26.01
CA TRP B 259 16.80 -0.98 27.35
C TRP B 259 16.01 -1.91 28.27
N HIS B 260 14.94 -2.55 27.75
CA HIS B 260 14.07 -3.48 28.46
C HIS B 260 14.84 -4.79 28.83
N THR B 261 15.78 -5.25 27.98
CA THR B 261 16.58 -6.46 28.20
C THR B 261 17.99 -6.17 28.76
N SER B 262 18.35 -4.88 28.98
CA SER B 262 19.66 -4.50 29.53
C SER B 262 19.79 -4.95 31.00
N PHE B 263 18.65 -5.24 31.66
CA PHE B 263 18.58 -5.67 33.06
C PHE B 263 18.75 -7.19 33.21
N LYS B 264 18.05 -8.00 32.36
CA LYS B 264 18.11 -9.47 32.37
C LYS B 264 19.54 -9.95 32.15
N ALA B 265 20.26 -9.28 31.24
CA ALA B 265 21.66 -9.56 30.90
C ALA B 265 22.58 -9.19 32.07
N LEU B 266 22.69 -7.89 32.40
CA LEU B 266 23.54 -7.41 33.49
C LEU B 266 22.72 -7.10 34.73
N GLY B 275 30.47 -9.29 19.75
CA GLY B 275 29.38 -9.96 20.44
C GLY B 275 28.01 -9.43 20.09
N LYS B 276 27.01 -10.33 20.04
CA LYS B 276 25.59 -10.11 19.73
C LYS B 276 25.33 -9.47 18.33
N THR B 277 26.37 -9.37 17.47
CA THR B 277 26.23 -8.82 16.13
C THR B 277 26.00 -10.00 15.15
N SER B 278 24.72 -10.30 14.91
CA SER B 278 24.25 -11.37 14.03
C SER B 278 23.31 -10.78 12.96
N TYR B 279 22.27 -11.54 12.51
CA TYR B 279 21.32 -11.07 11.49
C TYR B 279 20.19 -10.23 12.14
N PHE B 280 20.57 -9.32 13.09
CA PHE B 280 19.67 -8.39 13.77
C PHE B 280 19.08 -7.39 12.76
N HIS B 281 19.86 -7.13 11.70
CA HIS B 281 19.60 -6.26 10.57
C HIS B 281 18.38 -6.70 9.78
N LEU B 282 18.14 -8.03 9.69
CA LEU B 282 16.98 -8.59 9.00
C LEU B 282 15.68 -8.15 9.67
N LEU B 283 15.69 -8.03 11.00
CA LEU B 283 14.55 -7.61 11.79
C LEU B 283 14.26 -6.11 11.67
N THR B 284 15.28 -5.31 11.30
CA THR B 284 15.19 -3.85 11.23
C THR B 284 14.99 -3.27 9.83
N TRP B 285 15.71 -3.78 8.83
CA TRP B 285 15.67 -3.23 7.47
C TRP B 285 14.53 -3.81 6.58
N SER B 286 13.85 -4.89 7.02
CA SER B 286 12.79 -5.57 6.26
C SER B 286 11.48 -4.81 6.16
N LEU B 287 10.93 -4.35 7.30
CA LEU B 287 9.66 -3.67 7.40
C LEU B 287 9.67 -2.37 6.55
N PRO B 288 10.68 -1.45 6.64
CA PRO B 288 10.66 -0.26 5.76
C PRO B 288 10.81 -0.63 4.28
N PHE B 289 11.46 -1.77 3.97
CA PHE B 289 11.66 -2.22 2.59
C PHE B 289 10.33 -2.61 1.94
N VAL B 290 9.53 -3.44 2.60
CA VAL B 290 8.24 -3.95 2.14
C VAL B 290 7.27 -2.78 1.94
N LEU B 291 7.19 -1.86 2.93
CA LEU B 291 6.32 -0.68 2.87
C LEU B 291 6.73 0.26 1.71
N THR B 292 8.04 0.54 1.55
CA THR B 292 8.57 1.39 0.47
C THR B 292 8.18 0.80 -0.89
N VAL B 293 8.45 -0.52 -1.08
CA VAL B 293 8.12 -1.29 -2.28
C VAL B 293 6.60 -1.24 -2.55
N ALA B 294 5.76 -1.32 -1.49
CA ALA B 294 4.30 -1.29 -1.60
C ALA B 294 3.82 0.06 -2.11
N ILE B 295 4.44 1.17 -1.66
CA ILE B 295 4.10 2.52 -2.11
C ILE B 295 4.48 2.68 -3.59
N LEU B 296 5.65 2.15 -3.97
CA LEU B 296 6.10 2.21 -5.36
C LEU B 296 5.19 1.40 -6.29
N ALA B 297 4.69 0.25 -5.83
CA ALA B 297 3.80 -0.56 -6.67
C ALA B 297 2.44 0.10 -6.86
N VAL B 298 1.91 0.76 -5.82
CA VAL B 298 0.60 1.42 -5.88
C VAL B 298 0.74 2.86 -6.45
N ALA B 299 1.98 3.32 -6.64
CA ALA B 299 2.35 4.59 -7.26
C ALA B 299 1.66 5.80 -6.56
N GLN B 300 1.87 5.94 -5.26
CA GLN B 300 1.26 7.06 -4.55
C GLN B 300 2.32 8.04 -4.01
N VAL B 301 3.38 8.23 -4.82
CA VAL B 301 4.49 9.12 -4.55
C VAL B 301 4.20 10.42 -5.29
N ASP B 302 4.15 11.54 -4.54
CA ASP B 302 3.83 12.86 -5.06
C ASP B 302 4.91 13.85 -4.64
N GLY B 303 5.09 14.88 -5.44
CA GLY B 303 6.04 15.95 -5.14
C GLY B 303 5.33 17.08 -4.43
N ASP B 304 6.11 17.92 -3.74
CA ASP B 304 5.56 19.09 -3.06
C ASP B 304 6.59 20.20 -2.99
N SER B 305 6.24 21.38 -3.54
CA SER B 305 7.10 22.54 -3.61
C SER B 305 7.43 23.16 -2.22
N VAL B 306 6.48 23.15 -1.27
CA VAL B 306 6.74 23.78 0.04
C VAL B 306 7.68 22.89 0.88
N SER B 307 7.53 21.55 0.88
CA SER B 307 8.46 20.67 1.62
C SER B 307 9.77 20.42 0.81
N GLY B 308 9.71 20.58 -0.51
CA GLY B 308 10.82 20.37 -1.43
C GLY B 308 11.25 18.93 -1.57
N ILE B 309 10.34 17.99 -1.28
CA ILE B 309 10.61 16.56 -1.37
C ILE B 309 9.49 15.85 -2.06
N CYS B 310 9.70 14.56 -2.30
CA CYS B 310 8.70 13.64 -2.79
C CYS B 310 8.39 12.71 -1.62
N PHE B 311 7.09 12.50 -1.39
CA PHE B 311 6.62 11.73 -0.27
C PHE B 311 5.35 10.97 -0.63
N VAL B 312 4.84 10.18 0.30
CA VAL B 312 3.68 9.35 0.11
C VAL B 312 2.46 10.05 0.70
N GLY B 313 1.38 10.02 -0.06
CA GLY B 313 0.09 10.51 0.40
C GLY B 313 -0.07 12.00 0.48
N TYR B 314 0.62 12.73 -0.39
CA TYR B 314 0.46 14.17 -0.48
C TYR B 314 -0.87 14.47 -1.20
N LYS B 315 -1.16 13.73 -2.29
CA LYS B 315 -2.37 13.86 -3.08
C LYS B 315 -3.55 13.20 -2.38
N ASN B 316 -3.36 11.97 -1.90
CA ASN B 316 -4.38 11.14 -1.28
C ASN B 316 -3.94 10.82 0.15
N TYR B 317 -4.55 11.50 1.13
CA TYR B 317 -4.18 11.45 2.56
C TYR B 317 -4.15 10.02 3.17
N ARG B 318 -4.99 9.10 2.66
CA ARG B 318 -5.11 7.72 3.15
C ARG B 318 -3.79 6.98 3.07
N TYR B 319 -2.98 7.28 2.02
CA TYR B 319 -1.67 6.66 1.82
C TYR B 319 -0.70 7.18 2.84
N ARG B 320 -0.83 8.44 3.27
CA ARG B 320 0.01 8.96 4.36
C ARG B 320 -0.44 8.33 5.69
N ALA B 321 -1.74 8.08 5.84
CA ALA B 321 -2.32 7.46 7.03
C ALA B 321 -1.91 6.00 7.16
N GLY B 322 -1.96 5.28 6.04
CA GLY B 322 -1.63 3.87 6.01
C GLY B 322 -0.16 3.56 6.13
N PHE B 323 0.68 4.36 5.44
CA PHE B 323 2.12 4.10 5.39
C PHE B 323 2.99 4.97 6.31
N VAL B 324 2.44 6.01 6.93
CA VAL B 324 3.25 6.85 7.80
C VAL B 324 2.62 6.92 9.17
N LEU B 325 1.35 7.34 9.28
CA LEU B 325 0.68 7.47 10.57
C LEU B 325 0.58 6.14 11.33
N ALA B 326 -0.01 5.11 10.69
CA ALA B 326 -0.24 3.80 11.31
C ALA B 326 1.09 3.11 11.73
N PRO B 327 2.16 2.98 10.88
CA PRO B 327 3.39 2.34 11.37
C PRO B 327 4.05 3.10 12.54
N ILE B 328 4.01 4.44 12.54
CA ILE B 328 4.56 5.25 13.63
C ILE B 328 3.71 5.03 14.92
N GLY B 329 2.38 4.90 14.77
CA GLY B 329 1.47 4.62 15.88
C GLY B 329 1.74 3.26 16.50
N LEU B 330 2.12 2.27 15.66
CA LEU B 330 2.44 0.93 16.12
C LEU B 330 3.82 0.92 16.82
N VAL B 331 4.83 1.69 16.30
CA VAL B 331 6.13 1.74 16.97
C VAL B 331 6.00 2.43 18.34
N LEU B 332 5.06 3.38 18.46
CA LEU B 332 4.79 4.07 19.72
C LEU B 332 4.22 3.14 20.76
N ILE B 333 3.27 2.25 20.37
CA ILE B 333 2.65 1.34 21.32
C ILE B 333 3.63 0.17 21.67
N VAL B 334 4.49 -0.26 20.72
CA VAL B 334 5.45 -1.36 20.93
C VAL B 334 6.65 -0.83 21.73
N GLY B 335 7.17 0.33 21.35
CA GLY B 335 8.26 1.02 22.04
C GLY B 335 7.84 1.49 23.42
N GLY B 336 6.60 1.98 23.53
CA GLY B 336 5.99 2.38 24.79
C GLY B 336 5.88 1.20 25.73
N TYR B 337 5.53 0.01 25.18
CA TYR B 337 5.41 -1.23 25.96
C TYR B 337 6.75 -1.59 26.59
N PHE B 338 7.84 -1.62 25.78
CA PHE B 338 9.18 -1.98 26.23
C PHE B 338 9.75 -0.95 27.19
N LEU B 339 9.37 0.33 27.05
CA LEU B 339 9.79 1.36 28.00
C LEU B 339 9.09 1.13 29.36
N ILE B 340 7.75 0.94 29.36
CA ILE B 340 6.94 0.68 30.59
C ILE B 340 7.45 -0.59 31.28
N ARG B 341 7.65 -1.69 30.52
CA ARG B 341 8.16 -2.96 31.05
C ARG B 341 9.56 -2.79 31.61
N GLY B 342 10.35 -1.91 30.98
CA GLY B 342 11.69 -1.57 31.40
C GLY B 342 11.70 -0.84 32.73
N VAL B 343 10.75 0.12 32.94
CA VAL B 343 10.64 0.87 34.21
C VAL B 343 10.11 -0.07 35.32
N MET B 344 9.21 -1.00 34.99
CA MET B 344 8.65 -1.98 35.93
C MET B 344 9.75 -2.92 36.44
N THR B 345 10.66 -3.35 35.53
CA THR B 345 11.82 -4.20 35.84
C THR B 345 12.78 -3.39 36.73
N LEU B 346 12.99 -2.09 36.41
CA LEU B 346 13.83 -1.18 37.20
C LEU B 346 13.23 -1.03 38.61
N PHE B 347 11.88 -0.90 38.71
CA PHE B 347 11.12 -0.82 39.97
C PHE B 347 11.30 -2.10 40.78
N SER B 348 11.26 -3.27 40.09
CA SER B 348 11.39 -4.61 40.65
C SER B 348 12.79 -4.83 41.20
N ILE B 349 13.84 -4.56 40.39
CA ILE B 349 15.23 -4.75 40.80
C ILE B 349 15.61 -3.79 41.95
N LYS B 350 15.02 -2.56 41.99
CA LYS B 350 15.27 -1.57 43.05
C LYS B 350 14.63 -1.97 44.39
N SER B 351 13.48 -2.69 44.35
CA SER B 351 12.73 -3.12 45.54
C SER B 351 13.18 -4.49 46.06
N ASN B 352 13.17 -5.52 45.19
CA ASN B 352 13.53 -6.91 45.49
C ASN B 352 15.02 -7.03 45.84
N HIS B 353 15.90 -6.44 45.02
CA HIS B 353 17.36 -6.47 45.24
C HIS B 353 17.91 -5.03 45.37
N PRO B 354 17.71 -4.34 46.52
CA PRO B 354 18.23 -2.96 46.66
C PRO B 354 19.75 -2.82 46.42
N GLY B 355 20.50 -3.88 46.71
CA GLY B 355 21.95 -3.94 46.56
C GLY B 355 22.46 -4.33 45.18
N LEU B 356 21.90 -3.73 44.11
CA LEU B 356 22.34 -3.97 42.72
C LEU B 356 22.89 -2.66 42.13
N LEU B 357 22.13 -1.56 42.29
CA LEU B 357 22.51 -0.20 41.87
C LEU B 357 23.39 0.42 42.96
N SER B 358 23.39 -0.22 44.15
CA SER B 358 24.14 0.15 45.36
C SER B 358 25.52 -0.54 45.37
N GLU B 359 25.88 -1.23 44.27
CA GLU B 359 27.16 -1.92 44.12
C GLU B 359 27.95 -1.32 42.94
N LYS B 360 29.17 -0.85 43.23
CA LYS B 360 30.10 -0.21 42.28
C LYS B 360 30.81 -1.22 41.36
N ALA B 361 30.70 -2.54 41.65
CA ALA B 361 31.31 -3.64 40.89
C ALA B 361 30.88 -3.65 39.41
N ALA B 362 29.62 -3.27 39.14
CA ALA B 362 29.07 -3.21 37.78
C ALA B 362 28.66 -1.77 37.41
N SER B 363 29.63 -0.82 37.51
CA SER B 363 29.43 0.60 37.21
C SER B 363 29.24 0.81 35.70
N LYS B 364 29.87 -0.05 34.86
CA LYS B 364 29.77 -0.02 33.39
C LYS B 364 28.37 -0.44 32.96
N ILE B 365 27.72 -1.33 33.73
CA ILE B 365 26.36 -1.80 33.50
C ILE B 365 25.36 -0.67 33.81
N ASN B 366 25.59 0.04 34.94
CA ASN B 366 24.77 1.17 35.40
C ASN B 366 24.81 2.36 34.43
N GLU B 367 25.97 2.60 33.79
CA GLU B 367 26.17 3.71 32.86
C GLU B 367 25.41 3.49 31.55
N THR B 368 25.59 2.31 30.91
CA THR B 368 24.98 1.94 29.63
C THR B 368 23.45 1.80 29.75
N MET B 369 22.93 1.23 30.87
CA MET B 369 21.50 1.07 31.09
C MET B 369 20.80 2.42 31.28
N LEU B 370 21.39 3.35 32.07
CA LEU B 370 20.82 4.67 32.33
C LEU B 370 20.82 5.53 31.05
N ARG B 371 21.90 5.46 30.25
CA ARG B 371 22.07 6.19 29.00
C ARG B 371 21.05 5.70 27.93
N LEU B 372 20.85 4.37 27.86
CA LEU B 372 19.91 3.71 26.95
C LEU B 372 18.48 4.18 27.22
N GLY B 373 18.09 4.20 28.50
CA GLY B 373 16.78 4.65 28.96
C GLY B 373 16.49 6.09 28.64
N ILE B 374 17.51 6.97 28.80
CA ILE B 374 17.42 8.41 28.55
C ILE B 374 17.12 8.62 27.07
N PHE B 375 17.93 7.98 26.19
CA PHE B 375 17.80 8.05 24.74
C PHE B 375 16.51 7.41 24.26
N GLY B 376 16.09 6.32 24.89
CA GLY B 376 14.85 5.63 24.59
C GLY B 376 13.63 6.47 24.82
N PHE B 377 13.53 7.11 26.02
CA PHE B 377 12.41 7.97 26.40
C PHE B 377 12.40 9.26 25.59
N LEU B 378 13.59 9.83 25.33
CA LEU B 378 13.77 11.07 24.57
C LEU B 378 13.25 10.87 23.16
N ALA B 379 13.65 9.75 22.51
CA ALA B 379 13.21 9.38 21.18
C ALA B 379 11.67 9.21 21.14
N PHE B 380 11.11 8.50 22.15
CA PHE B 380 9.66 8.26 22.30
C PHE B 380 8.87 9.57 22.24
N GLY B 381 9.31 10.57 23.02
CA GLY B 381 8.67 11.89 23.10
C GLY B 381 8.63 12.59 21.76
N PHE B 382 9.77 12.60 21.05
CA PHE B 382 9.87 13.20 19.72
C PHE B 382 9.01 12.42 18.72
N VAL B 383 9.03 11.07 18.77
CA VAL B 383 8.23 10.22 17.88
C VAL B 383 6.73 10.50 18.14
N LEU B 384 6.34 10.71 19.41
CA LEU B 384 4.97 11.03 19.78
C LEU B 384 4.54 12.38 19.18
N ILE B 385 5.47 13.38 19.12
CA ILE B 385 5.17 14.70 18.53
C ILE B 385 4.97 14.51 17.01
N THR B 386 5.89 13.75 16.41
CA THR B 386 5.91 13.39 14.98
C THR B 386 4.53 12.72 14.67
N PHE B 387 4.09 11.75 15.50
CA PHE B 387 2.81 11.07 15.36
C PHE B 387 1.60 12.03 15.37
N SER B 388 1.58 12.99 16.32
CA SER B 388 0.49 13.97 16.56
C SER B 388 0.27 14.87 15.36
N CYS B 389 1.36 15.32 14.74
CA CYS B 389 1.37 16.17 13.55
C CYS B 389 0.86 15.41 12.33
N HIS B 390 1.23 14.11 12.18
CA HIS B 390 0.73 13.31 11.07
C HIS B 390 -0.74 13.02 11.32
N PHE B 391 -1.14 12.91 12.63
CA PHE B 391 -2.53 12.68 13.01
C PHE B 391 -3.42 13.90 12.67
N TYR B 392 -2.98 15.13 13.02
CA TYR B 392 -3.72 16.34 12.67
C TYR B 392 -3.93 16.36 11.13
N ASP B 393 -2.86 16.10 10.36
CA ASP B 393 -2.88 16.02 8.90
C ASP B 393 -3.85 14.95 8.38
N PHE B 394 -3.86 13.75 8.98
CA PHE B 394 -4.80 12.69 8.60
C PHE B 394 -6.27 13.11 8.83
N PHE B 395 -6.56 13.70 10.00
CA PHE B 395 -7.88 14.13 10.42
C PHE B 395 -8.48 15.27 9.55
N ASN B 396 -7.61 16.12 8.97
CA ASN B 396 -8.02 17.30 8.21
C ASN B 396 -7.75 17.28 6.71
N GLN B 397 -6.88 16.38 6.18
CA GLN B 397 -6.56 16.42 4.75
C GLN B 397 -7.74 16.08 3.81
N ALA B 398 -8.79 15.36 4.27
CA ALA B 398 -9.92 15.10 3.36
C ALA B 398 -10.57 16.43 2.94
N GLU B 399 -10.79 17.33 3.91
CA GLU B 399 -11.34 18.67 3.74
C GLU B 399 -10.39 19.54 2.91
N TRP B 400 -9.07 19.51 3.23
CA TRP B 400 -8.05 20.27 2.50
C TRP B 400 -8.02 19.90 1.02
N GLU B 401 -8.15 18.58 0.70
CA GLU B 401 -8.20 18.06 -0.68
C GLU B 401 -9.41 18.63 -1.42
N ARG B 402 -10.56 18.70 -0.75
CA ARG B 402 -11.80 19.24 -1.29
C ARG B 402 -11.63 20.76 -1.53
N SER B 403 -11.01 21.50 -0.57
CA SER B 403 -10.75 22.94 -0.71
C SER B 403 -9.72 23.21 -1.81
N PHE B 404 -8.76 22.30 -2.01
CA PHE B 404 -7.78 22.39 -3.09
C PHE B 404 -8.49 22.26 -4.42
N ARG B 405 -9.28 21.18 -4.59
CA ARG B 405 -10.04 20.93 -5.83
C ARG B 405 -11.05 22.06 -6.13
N ASP B 406 -11.78 22.55 -5.12
CA ASP B 406 -12.77 23.62 -5.30
C ASP B 406 -12.12 24.94 -5.74
N TYR B 407 -10.96 25.29 -5.15
CA TYR B 407 -10.24 26.51 -5.52
C TYR B 407 -9.72 26.41 -6.96
N VAL B 408 -9.06 25.28 -7.31
CA VAL B 408 -8.49 25.04 -8.64
C VAL B 408 -9.61 25.08 -9.72
N LEU B 409 -10.79 24.52 -9.42
CA LEU B 409 -11.89 24.45 -10.38
C LEU B 409 -12.64 25.78 -10.60
N CYS B 410 -12.95 26.61 -9.55
CA CYS B 410 -13.65 27.86 -9.90
C CYS B 410 -12.70 28.89 -10.51
N GLN B 411 -11.37 28.67 -10.43
CA GLN B 411 -10.39 29.53 -11.10
C GLN B 411 -10.44 29.30 -12.63
N ALA B 412 -11.15 28.24 -13.08
CA ALA B 412 -11.41 27.88 -14.47
C ALA B 412 -12.84 28.32 -14.88
N ASN B 413 -13.83 28.05 -13.99
CA ASN B 413 -15.25 28.39 -14.15
C ASN B 413 -15.96 28.43 -12.80
N ASP B 426 -14.50 36.27 -7.25
CA ASP B 426 -13.30 35.81 -6.57
C ASP B 426 -13.41 34.35 -6.13
N CYS B 427 -12.27 33.68 -6.06
CA CYS B 427 -12.19 32.27 -5.66
C CYS B 427 -11.37 32.17 -4.39
N GLU B 428 -11.99 31.64 -3.32
CA GLU B 428 -11.36 31.54 -2.00
C GLU B 428 -10.91 30.12 -1.66
N ILE B 429 -9.83 30.04 -0.86
CA ILE B 429 -9.30 28.80 -0.30
C ILE B 429 -10.00 28.68 1.03
N LYS B 430 -11.02 27.78 1.13
CA LYS B 430 -11.82 27.59 2.34
C LYS B 430 -10.92 27.27 3.55
N ASN B 431 -10.11 26.23 3.42
CA ASN B 431 -9.15 25.77 4.44
C ASN B 431 -7.92 25.23 3.74
N ARG B 432 -6.82 25.09 4.47
CA ARG B 432 -5.55 24.64 3.90
C ARG B 432 -4.67 23.92 4.98
N PRO B 433 -3.64 23.13 4.58
CA PRO B 433 -2.74 22.55 5.57
C PRO B 433 -2.03 23.63 6.41
N SER B 434 -1.67 23.29 7.64
CA SER B 434 -0.96 24.18 8.57
C SER B 434 0.53 23.94 8.47
N LEU B 435 1.28 24.98 8.08
CA LEU B 435 2.74 24.94 7.96
C LEU B 435 3.41 24.92 9.32
N LEU B 436 2.70 25.42 10.38
CA LEU B 436 3.17 25.39 11.76
C LEU B 436 3.24 23.92 12.23
N VAL B 437 2.17 23.14 11.98
CA VAL B 437 2.08 21.72 12.32
C VAL B 437 3.25 20.98 11.64
N GLU B 438 3.54 21.34 10.37
CA GLU B 438 4.65 20.77 9.60
C GLU B 438 5.99 21.13 10.23
N LYS B 439 6.15 22.39 10.65
CA LYS B 439 7.38 22.82 11.31
C LYS B 439 7.59 22.08 12.65
N ILE B 440 6.49 21.82 13.41
CA ILE B 440 6.56 21.10 14.70
C ILE B 440 7.00 19.65 14.42
N ASN B 441 6.40 19.02 13.40
CA ASN B 441 6.73 17.66 12.98
C ASN B 441 8.21 17.58 12.61
N LEU B 442 8.72 18.57 11.84
CA LEU B 442 10.12 18.63 11.42
C LEU B 442 11.05 18.91 12.60
N PHE B 443 10.59 19.72 13.58
CA PHE B 443 11.37 19.99 14.79
C PHE B 443 11.59 18.66 15.53
N ALA B 444 10.50 17.91 15.73
CA ALA B 444 10.51 16.62 16.40
C ALA B 444 11.24 15.56 15.57
N MET B 445 11.12 15.60 14.24
CA MET B 445 11.76 14.60 13.39
C MET B 445 13.27 14.86 13.35
N PHE B 446 13.70 16.06 12.92
CA PHE B 446 15.14 16.40 12.89
C PHE B 446 15.76 16.43 14.31
N GLY B 447 14.97 16.82 15.31
CA GLY B 447 15.36 16.86 16.73
C GLY B 447 15.73 15.51 17.29
N THR B 448 15.03 14.43 16.84
CA THR B 448 15.36 13.04 17.23
C THR B 448 16.78 12.79 16.76
N GLY B 449 17.05 13.11 15.47
CA GLY B 449 18.35 12.97 14.84
C GLY B 449 19.46 13.69 15.57
N ILE B 450 19.19 14.93 16.02
CA ILE B 450 20.13 15.76 16.78
C ILE B 450 20.28 15.17 18.20
N ALA B 451 19.16 14.80 18.88
CA ALA B 451 19.20 14.23 20.23
C ALA B 451 19.96 12.89 20.25
N MET B 452 19.66 12.00 19.28
CA MET B 452 20.29 10.68 19.16
C MET B 452 21.78 10.78 18.86
N SER B 453 22.21 11.86 18.16
CA SER B 453 23.61 12.13 17.84
C SER B 453 24.42 12.48 19.10
N THR B 454 23.77 12.96 20.19
CA THR B 454 24.46 13.31 21.43
C THR B 454 24.91 12.06 22.23
N TRP B 455 24.68 10.84 21.68
CA TRP B 455 25.09 9.57 22.29
C TRP B 455 26.61 9.50 22.38
N VAL B 456 27.26 10.05 21.37
CA VAL B 456 28.70 10.08 21.17
C VAL B 456 29.30 11.35 21.86
N TRP B 457 28.47 12.25 22.41
CA TRP B 457 28.96 13.47 23.08
C TRP B 457 29.40 13.15 24.51
N THR B 458 30.47 12.34 24.63
CA THR B 458 31.06 11.91 25.90
C THR B 458 32.56 12.17 25.87
N LYS B 459 33.20 12.13 27.07
CA LYS B 459 34.64 12.32 27.23
C LYS B 459 35.41 11.23 26.48
N ALA B 460 34.81 10.02 26.40
CA ALA B 460 35.35 8.84 25.73
C ALA B 460 35.60 9.05 24.23
N THR B 461 34.77 9.88 23.57
CA THR B 461 34.91 10.12 22.12
C THR B 461 35.95 11.22 21.84
N LEU B 462 36.27 12.07 22.84
CA LEU B 462 37.33 13.08 22.72
C LEU B 462 38.67 12.37 22.55
N LEU B 463 38.79 11.20 23.21
CA LEU B 463 39.92 10.26 23.17
C LEU B 463 40.01 9.55 21.80
N ILE B 464 38.85 9.21 21.21
CA ILE B 464 38.71 8.53 19.91
C ILE B 464 39.23 9.44 18.79
N TRP B 465 38.91 10.74 18.86
CA TRP B 465 39.36 11.71 17.86
C TRP B 465 40.82 12.09 18.10
N ARG B 466 41.32 11.97 19.34
CA ARG B 466 42.72 12.21 19.69
C ARG B 466 43.56 11.04 19.15
N ARG B 467 43.04 9.80 19.26
CA ARG B 467 43.68 8.58 18.76
C ARG B 467 43.68 8.56 17.23
N THR B 468 42.66 9.19 16.60
CA THR B 468 42.51 9.31 15.15
C THR B 468 43.51 10.34 14.59
N TRP B 469 43.75 11.42 15.36
CA TRP B 469 44.69 12.49 15.02
C TRP B 469 46.13 12.01 15.10
N CYS B 470 46.42 11.07 16.03
CA CYS B 470 47.74 10.48 16.26
C CYS B 470 47.96 9.23 15.36
N ARG B 471 47.20 9.13 14.25
CA ARG B 471 47.29 8.02 13.28
C ARG B 471 47.79 8.54 11.92
N LEU B 472 48.74 9.51 11.95
CA LEU B 472 49.34 10.13 10.76
C LEU B 472 50.80 10.51 11.03
#